data_4WJ5
#
_entry.id   4WJ5
#
_cell.length_a   63.180
_cell.length_b   87.140
_cell.length_c   79.194
_cell.angle_alpha   90.000
_cell.angle_beta   90.150
_cell.angle_gamma   90.000
#
_symmetry.space_group_name_H-M   'P 1 21 1'
#
loop_
_entity.id
_entity.type
_entity.pdbx_description
1 polymer 'HLA class I histocompatibility antigen, A-2 alpha chain'
2 polymer Beta-2-microglobulin
3 polymer 'Melanoma antigen recognized by T-cells 1'
4 non-polymer GLYCEROL
5 water water
#
loop_
_entity_poly.entity_id
_entity_poly.type
_entity_poly.pdbx_seq_one_letter_code
_entity_poly.pdbx_strand_id
1 'polypeptide(L)'
;GSHSMRYFFTSVSRPGRGEPRFIAVGYVDDTQFVRFDSDAASQRMEPRAPWIEQEGPEYWDGETRKVKAHSQTHRVDLGT
LRGYYNQSEAGSHTVQRMYGCDVGSDWRFLRGYHQYAYDGKDYIALKEDLRSWTAADMAAQTTKHKWEAAHVAEQLRAYL
EGTCVEWLRRYLENGKETLQRTDAPKTHMTHHAVSDHEATLRCWALSFYPAEITLTWQRDGEDQTQDTELVETRPAGDGT
FQKWAAVVVPSGQEQRYTCHVQHEGLPKPLTLRWE
;
A,D
2 'polypeptide(L)'
;MIQRTPKIQVYSRHPAENGKSNFLNCYVSGFHPSDIEVDLLKNGERIEKVEHSDLSFSKDWSFYLLYYTEFTPTEKDEYA
CRVNHVTLSQPKIVKWDRDM
;
B,E
3 'polypeptide(L)' (GRN)(NVA)AGIGILT(LPH) C,F
#
# COMPACT_ATOMS: atom_id res chain seq x y z
N GLY A 1 26.06 -17.13 29.37
CA GLY A 1 25.04 -18.05 28.79
C GLY A 1 25.44 -18.39 27.35
N SER A 2 24.69 -19.30 26.74
CA SER A 2 24.88 -19.62 25.34
C SER A 2 24.32 -18.55 24.40
N HIS A 3 24.76 -18.60 23.15
CA HIS A 3 24.35 -17.66 22.13
C HIS A 3 24.18 -18.29 20.79
N SER A 4 23.46 -17.59 19.94
N SER A 4 23.47 -17.59 19.93
CA SER A 4 23.20 -18.08 18.59
CA SER A 4 23.23 -18.08 18.59
C SER A 4 23.19 -16.92 17.59
C SER A 4 23.19 -16.93 17.60
N MET A 5 23.52 -17.25 16.34
CA MET A 5 23.28 -16.36 15.20
C MET A 5 22.46 -17.13 14.19
N ARG A 6 21.45 -16.48 13.61
N ARG A 6 21.43 -16.49 13.62
CA ARG A 6 20.60 -17.12 12.61
CA ARG A 6 20.58 -17.14 12.65
C ARG A 6 20.21 -16.15 11.54
C ARG A 6 20.20 -16.16 11.55
N TYR A 7 20.20 -16.64 10.32
CA TYR A 7 19.64 -15.90 9.19
C TYR A 7 18.46 -16.72 8.65
N PHE A 8 17.40 -16.00 8.32
CA PHE A 8 16.12 -16.56 7.88
C PHE A 8 15.76 -15.87 6.58
N PHE A 9 15.41 -16.68 5.58
CA PHE A 9 15.15 -16.22 4.23
C PHE A 9 13.85 -16.83 3.77
N THR A 10 12.95 -15.98 3.24
N THR A 10 12.95 -15.99 3.24
CA THR A 10 11.64 -16.41 2.72
CA THR A 10 11.66 -16.46 2.70
C THR A 10 11.47 -15.84 1.32
C THR A 10 11.47 -15.85 1.32
N SER A 11 11.11 -16.70 0.36
CA SER A 11 10.76 -16.23 -0.97
C SER A 11 9.41 -16.77 -1.34
N VAL A 12 8.58 -15.90 -1.88
CA VAL A 12 7.21 -16.25 -2.19
C VAL A 12 6.89 -15.90 -3.64
N SER A 13 6.52 -16.87 -4.45
CA SER A 13 6.16 -16.57 -5.81
C SER A 13 4.79 -15.92 -5.91
N ARG A 14 4.63 -15.13 -6.97
CA ARG A 14 3.38 -14.44 -7.26
C ARG A 14 3.25 -14.41 -8.80
N PRO A 15 2.84 -15.55 -9.36
CA PRO A 15 2.84 -15.68 -10.81
C PRO A 15 1.97 -14.63 -11.47
N GLY A 16 2.48 -14.10 -12.58
CA GLY A 16 1.83 -13.02 -13.30
C GLY A 16 2.13 -11.64 -12.73
N ARG A 17 2.73 -11.59 -11.54
CA ARG A 17 2.90 -10.34 -10.82
C ARG A 17 4.36 -10.07 -10.49
N GLY A 18 5.24 -10.48 -11.40
CA GLY A 18 6.66 -10.16 -11.32
C GLY A 18 7.46 -11.18 -10.52
N GLU A 19 8.66 -10.77 -10.15
CA GLU A 19 9.58 -11.65 -9.45
C GLU A 19 9.04 -11.99 -8.07
N PRO A 20 9.49 -13.11 -7.53
CA PRO A 20 9.05 -13.44 -6.19
C PRO A 20 9.51 -12.43 -5.16
N ARG A 21 8.73 -12.23 -4.10
CA ARG A 21 9.18 -11.39 -3.03
C ARG A 21 10.18 -12.16 -2.19
N PHE A 22 11.25 -11.49 -1.79
CA PHE A 22 12.29 -12.10 -0.96
C PHE A 22 12.54 -11.25 0.26
N ILE A 23 12.49 -11.89 1.42
N ILE A 23 12.48 -11.89 1.43
CA ILE A 23 12.72 -11.20 2.69
CA ILE A 23 12.73 -11.21 2.70
C ILE A 23 13.81 -11.97 3.46
C ILE A 23 13.82 -11.97 3.43
N ALA A 24 14.87 -11.26 3.88
CA ALA A 24 15.92 -11.83 4.72
C ALA A 24 15.91 -11.09 6.01
N VAL A 25 16.11 -11.83 7.09
CA VAL A 25 16.30 -11.24 8.40
C VAL A 25 17.44 -11.96 9.12
N GLY A 26 18.20 -11.25 9.92
CA GLY A 26 19.32 -11.77 10.69
C GLY A 26 19.09 -11.48 12.18
N TYR A 27 19.38 -12.46 13.05
CA TYR A 27 19.25 -12.36 14.49
C TYR A 27 20.53 -12.76 15.19
N VAL A 28 20.83 -12.06 16.29
CA VAL A 28 21.70 -12.63 17.31
C VAL A 28 20.85 -12.91 18.55
N ASP A 29 20.86 -14.15 19.01
CA ASP A 29 19.90 -14.56 20.03
C ASP A 29 18.49 -14.10 19.64
N ASP A 30 17.77 -13.36 20.50
CA ASP A 30 16.44 -12.95 20.20
C ASP A 30 16.35 -11.49 19.77
N THR A 31 17.48 -10.94 19.27
CA THR A 31 17.56 -9.59 18.76
C THR A 31 17.81 -9.53 17.27
N GLN A 32 16.82 -9.03 16.55
CA GLN A 32 16.99 -8.86 15.08
C GLN A 32 17.96 -7.73 14.88
N PHE A 33 18.85 -7.88 13.89
CA PHE A 33 19.78 -6.78 13.62
C PHE A 33 19.89 -6.34 12.17
N VAL A 34 19.44 -7.14 11.19
N VAL A 34 19.39 -7.12 11.22
CA VAL A 34 19.43 -6.70 9.77
CA VAL A 34 19.40 -6.70 9.83
C VAL A 34 18.18 -7.21 9.06
C VAL A 34 18.18 -7.22 9.07
N ARG A 35 17.84 -6.57 7.95
CA ARG A 35 16.81 -7.03 7.04
C ARG A 35 17.14 -6.69 5.60
N PHE A 36 16.51 -7.43 4.70
CA PHE A 36 16.46 -7.08 3.30
C PHE A 36 15.08 -7.41 2.83
N ASP A 37 14.49 -6.53 2.02
CA ASP A 37 13.16 -6.79 1.43
C ASP A 37 13.20 -6.45 -0.04
N SER A 38 13.00 -7.46 -0.91
CA SER A 38 13.14 -7.24 -2.35
C SER A 38 12.21 -6.14 -2.86
N ASP A 39 11.10 -5.90 -2.16
CA ASP A 39 10.12 -4.94 -2.61
C ASP A 39 10.43 -3.51 -2.21
N ALA A 40 11.34 -3.36 -1.26
CA ALA A 40 11.62 -2.02 -0.73
C ALA A 40 12.49 -1.23 -1.68
N ALA A 41 12.49 0.09 -1.47
CA ALA A 41 13.17 1.03 -2.35
C ALA A 41 14.69 0.94 -2.31
N SER A 42 15.27 0.67 -1.14
CA SER A 42 16.72 0.77 -1.01
C SER A 42 17.49 -0.27 -1.79
N GLN A 43 16.93 -1.47 -1.91
CA GLN A 43 17.65 -2.61 -2.46
C GLN A 43 19.00 -2.84 -1.76
N ARG A 44 19.00 -2.64 -0.45
CA ARG A 44 20.19 -2.84 0.35
C ARG A 44 19.86 -3.59 1.62
N MET A 45 20.82 -4.34 2.14
CA MET A 45 20.72 -4.80 3.52
C MET A 45 20.68 -3.56 4.43
N GLU A 46 19.74 -3.57 5.38
CA GLU A 46 19.48 -2.41 6.23
C GLU A 46 19.61 -2.79 7.71
N PRO A 47 20.12 -1.86 8.55
CA PRO A 47 20.18 -2.13 10.01
C PRO A 47 18.81 -2.11 10.63
N ARG A 48 18.61 -2.98 11.60
CA ARG A 48 17.36 -3.07 12.40
C ARG A 48 17.65 -3.09 13.91
N ALA A 49 18.84 -2.67 14.29
CA ALA A 49 19.23 -2.56 15.68
C ALA A 49 20.24 -1.47 15.72
N PRO A 50 20.19 -0.62 16.74
CA PRO A 50 21.20 0.46 16.77
C PRO A 50 22.71 0.07 16.77
N TRP A 51 23.06 -1.06 17.39
CA TRP A 51 24.46 -1.39 17.57
C TRP A 51 25.17 -1.67 16.23
N ILE A 52 24.41 -2.13 15.24
CA ILE A 52 24.98 -2.48 13.92
C ILE A 52 25.11 -1.29 12.98
N GLU A 53 24.45 -0.18 13.30
CA GLU A 53 24.58 1.04 12.50
C GLU A 53 26.02 1.56 12.46
N GLN A 54 26.86 1.18 13.43
CA GLN A 54 28.25 1.62 13.43
C GLN A 54 29.09 0.93 12.39
N GLU A 55 28.58 -0.15 11.80
CA GLU A 55 29.28 -0.75 10.71
C GLU A 55 29.39 0.22 9.55
N GLY A 56 30.51 0.14 8.86
CA GLY A 56 30.77 1.06 7.77
C GLY A 56 30.28 0.58 6.42
N PRO A 57 30.54 1.38 5.40
CA PRO A 57 30.10 1.05 4.03
C PRO A 57 30.66 -0.24 3.46
N GLU A 58 31.88 -0.62 3.82
CA GLU A 58 32.39 -1.91 3.41
C GLU A 58 31.46 -3.05 3.87
N TYR A 59 31.08 -3.00 5.13
CA TYR A 59 30.18 -3.98 5.68
C TYR A 59 28.86 -4.03 4.91
N TRP A 60 28.23 -2.87 4.80
CA TRP A 60 26.88 -2.85 4.23
C TRP A 60 26.90 -3.21 2.76
N ASP A 61 27.92 -2.76 2.02
CA ASP A 61 28.02 -3.13 0.62
C ASP A 61 28.17 -4.64 0.44
N GLY A 62 28.96 -5.26 1.30
CA GLY A 62 29.22 -6.69 1.23
C GLY A 62 27.99 -7.50 1.57
N GLU A 63 27.31 -7.09 2.63
CA GLU A 63 26.07 -7.80 3.03
C GLU A 63 24.98 -7.65 1.96
N THR A 64 24.91 -6.47 1.34
CA THR A 64 23.97 -6.22 0.22
C THR A 64 24.29 -7.12 -0.97
N ARG A 65 25.57 -7.21 -1.34
N ARG A 65 25.57 -7.21 -1.34
CA ARG A 65 25.97 -8.10 -2.42
CA ARG A 65 25.94 -8.12 -2.43
C ARG A 65 25.51 -9.55 -2.13
C ARG A 65 25.48 -9.55 -2.13
N LYS A 66 25.74 -10.01 -0.93
CA LYS A 66 25.47 -11.40 -0.59
C LYS A 66 23.97 -11.69 -0.58
N VAL A 67 23.21 -10.75 -0.05
CA VAL A 67 21.78 -11.00 0.12
C VAL A 67 21.07 -10.94 -1.22
N LYS A 68 21.58 -10.11 -2.13
CA LYS A 68 21.11 -10.08 -3.52
C LYS A 68 21.36 -11.43 -4.19
N ALA A 69 22.53 -12.01 -3.94
CA ALA A 69 22.83 -13.32 -4.53
C ALA A 69 21.92 -14.40 -3.97
N HIS A 70 21.66 -14.32 -2.67
CA HIS A 70 20.68 -15.23 -2.04
C HIS A 70 19.27 -15.07 -2.68
N SER A 71 18.88 -13.82 -2.90
N SER A 71 18.88 -13.82 -2.90
CA SER A 71 17.58 -13.54 -3.51
CA SER A 71 17.58 -13.53 -3.50
C SER A 71 17.46 -14.20 -4.87
C SER A 71 17.45 -14.19 -4.87
N GLN A 72 18.51 -14.10 -5.67
CA GLN A 72 18.48 -14.71 -7.02
C GLN A 72 18.41 -16.25 -7.02
N THR A 73 19.15 -16.88 -6.11
N THR A 73 19.17 -16.89 -6.12
CA THR A 73 19.17 -18.32 -5.96
CA THR A 73 19.16 -18.36 -6.06
C THR A 73 17.78 -18.84 -5.62
C THR A 73 17.78 -18.86 -5.62
N HIS A 74 17.13 -18.16 -4.69
CA HIS A 74 15.79 -18.55 -4.21
C HIS A 74 14.69 -18.31 -5.23
N ARG A 75 14.82 -17.26 -6.02
CA ARG A 75 13.93 -17.04 -7.16
C ARG A 75 13.99 -18.22 -8.13
N VAL A 76 15.22 -18.59 -8.50
CA VAL A 76 15.40 -19.76 -9.36
C VAL A 76 14.80 -21.01 -8.72
N ASP A 77 15.01 -21.19 -7.41
CA ASP A 77 14.49 -22.36 -6.72
C ASP A 77 12.98 -22.53 -6.86
N LEU A 78 12.25 -21.42 -6.82
CA LEU A 78 10.80 -21.49 -6.91
C LEU A 78 10.41 -22.16 -8.22
N GLY A 79 11.08 -21.77 -9.30
CA GLY A 79 10.80 -22.36 -10.59
C GLY A 79 11.21 -23.82 -10.63
N THR A 80 12.40 -24.13 -10.12
CA THR A 80 12.91 -25.53 -10.17
C THR A 80 11.99 -26.48 -9.41
N LEU A 81 11.59 -26.07 -8.22
CA LEU A 81 10.77 -26.90 -7.37
C LEU A 81 9.36 -27.05 -7.91
N ARG A 82 8.84 -25.99 -8.53
N ARG A 82 8.84 -25.99 -8.52
CA ARG A 82 7.55 -26.08 -9.22
CA ARG A 82 7.55 -26.07 -9.21
C ARG A 82 7.60 -27.20 -10.24
C ARG A 82 7.60 -27.20 -10.24
N GLY A 83 8.71 -27.28 -10.97
CA GLY A 83 8.91 -28.34 -11.96
C GLY A 83 9.04 -29.72 -11.35
N TYR A 84 9.86 -29.82 -10.29
CA TYR A 84 10.12 -31.10 -9.58
C TYR A 84 8.86 -31.70 -9.02
N TYR A 85 7.94 -30.86 -8.54
CA TYR A 85 6.66 -31.34 -8.00
C TYR A 85 5.51 -31.29 -8.99
N ASN A 86 5.82 -31.00 -10.25
CA ASN A 86 4.81 -30.97 -11.32
C ASN A 86 3.62 -30.08 -11.00
N GLN A 87 3.92 -28.87 -10.53
CA GLN A 87 2.87 -27.92 -10.12
C GLN A 87 2.61 -26.91 -11.23
N SER A 88 1.39 -26.36 -11.24
CA SER A 88 1.02 -25.39 -12.25
C SER A 88 1.78 -24.10 -12.02
N GLU A 89 1.82 -23.29 -13.06
CA GLU A 89 2.45 -21.98 -13.02
C GLU A 89 1.58 -20.92 -12.35
N ALA A 90 0.33 -21.21 -12.02
CA ALA A 90 -0.62 -20.19 -11.58
C ALA A 90 -0.55 -19.90 -10.07
N GLY A 91 -0.17 -20.90 -9.28
CA GLY A 91 -0.21 -20.79 -7.81
C GLY A 91 1.03 -20.20 -7.14
N SER A 92 0.83 -19.62 -5.96
CA SER A 92 1.93 -19.07 -5.17
C SER A 92 2.53 -20.16 -4.30
N HIS A 93 3.86 -20.24 -4.27
CA HIS A 93 4.55 -21.17 -3.43
C HIS A 93 5.58 -20.44 -2.61
N THR A 94 6.11 -21.15 -1.63
CA THR A 94 7.05 -20.51 -0.73
C THR A 94 8.32 -21.36 -0.59
N VAL A 95 9.47 -20.70 -0.52
N VAL A 95 9.49 -20.71 -0.54
CA VAL A 95 10.69 -21.35 -0.14
CA VAL A 95 10.70 -21.39 -0.09
C VAL A 95 11.23 -20.65 1.12
C VAL A 95 11.22 -20.66 1.14
N GLN A 96 11.82 -21.41 2.04
CA GLN A 96 12.45 -20.86 3.22
C GLN A 96 13.79 -21.56 3.46
N ARG A 97 14.77 -20.78 3.88
CA ARG A 97 16.10 -21.28 4.25
C ARG A 97 16.46 -20.63 5.59
N MET A 98 17.03 -21.41 6.50
CA MET A 98 17.57 -20.87 7.73
C MET A 98 18.93 -21.49 7.93
N TYR A 99 19.87 -20.67 8.36
CA TYR A 99 21.17 -21.24 8.75
C TYR A 99 21.72 -20.41 9.90
N GLY A 100 22.69 -21.00 10.57
CA GLY A 100 23.39 -20.33 11.63
C GLY A 100 24.09 -21.25 12.59
N CYS A 101 24.52 -20.70 13.70
CA CYS A 101 25.40 -21.41 14.60
C CYS A 101 25.06 -21.11 16.04
N ASP A 102 25.35 -22.06 16.91
CA ASP A 102 25.26 -21.86 18.36
C ASP A 102 26.61 -21.95 19.02
N VAL A 103 26.87 -21.14 20.04
CA VAL A 103 28.03 -21.28 20.89
C VAL A 103 27.64 -21.37 22.36
N GLY A 104 28.51 -21.93 23.20
CA GLY A 104 28.21 -22.05 24.64
C GLY A 104 28.63 -20.82 25.44
N SER A 105 28.60 -20.92 26.76
N SER A 105 28.59 -20.93 26.76
CA SER A 105 29.00 -19.82 27.63
CA SER A 105 28.97 -19.83 27.65
C SER A 105 30.44 -19.39 27.44
C SER A 105 30.44 -19.39 27.44
N ASP A 106 31.27 -20.29 26.90
CA ASP A 106 32.68 -20.01 26.57
C ASP A 106 32.87 -19.42 25.14
N TRP A 107 31.73 -19.22 24.47
CA TRP A 107 31.66 -18.70 23.11
C TRP A 107 32.34 -19.61 22.06
N ARG A 108 32.48 -20.88 22.40
N ARG A 108 32.49 -20.88 22.39
CA ARG A 108 33.02 -21.88 21.48
CA ARG A 108 33.02 -21.84 21.45
C ARG A 108 31.84 -22.58 20.77
C ARG A 108 31.86 -22.58 20.76
N PHE A 109 32.12 -23.03 19.55
CA PHE A 109 31.12 -23.71 18.69
C PHE A 109 30.44 -24.88 19.41
N LEU A 110 29.13 -24.89 19.32
CA LEU A 110 28.34 -25.98 19.87
CA LEU A 110 28.29 -25.98 19.87
C LEU A 110 27.68 -26.77 18.73
N ARG A 111 27.00 -26.07 17.84
CA ARG A 111 26.44 -26.68 16.63
C ARG A 111 26.15 -25.68 15.51
N GLY A 112 26.00 -26.24 14.31
CA GLY A 112 25.68 -25.55 13.08
C GLY A 112 24.40 -26.11 12.47
N TYR A 113 23.67 -25.25 11.74
CA TYR A 113 22.39 -25.57 11.11
C TYR A 113 22.33 -24.98 9.72
N HIS A 114 21.72 -25.72 8.81
CA HIS A 114 21.37 -25.21 7.50
C HIS A 114 20.25 -26.06 7.01
N GLN A 115 19.05 -25.46 6.91
CA GLN A 115 17.88 -26.19 6.43
C GLN A 115 17.00 -25.41 5.50
N TYR A 116 16.21 -26.17 4.75
CA TYR A 116 15.49 -25.65 3.62
C TYR A 116 14.10 -26.28 3.57
N ALA A 117 13.08 -25.46 3.33
CA ALA A 117 11.71 -25.91 3.27
C ALA A 117 11.00 -25.42 2.00
N TYR A 118 10.12 -26.26 1.47
CA TYR A 118 9.25 -25.88 0.35
C TYR A 118 7.80 -26.00 0.82
N ASP A 119 7.04 -24.92 0.63
CA ASP A 119 5.63 -24.86 1.08
C ASP A 119 5.45 -25.36 2.51
N GLY A 120 6.38 -24.92 3.38
CA GLY A 120 6.23 -25.08 4.81
C GLY A 120 6.60 -26.45 5.35
N LYS A 121 7.20 -27.28 4.51
CA LYS A 121 7.61 -28.64 4.94
C LYS A 121 9.08 -28.82 4.60
N ASP A 122 9.75 -29.59 5.45
CA ASP A 122 11.17 -29.90 5.25
C ASP A 122 11.39 -30.34 3.81
N TYR A 123 12.46 -29.81 3.21
CA TYR A 123 12.88 -30.24 1.90
C TYR A 123 14.25 -30.93 1.99
N ILE A 124 15.27 -30.16 2.38
CA ILE A 124 16.61 -30.73 2.58
C ILE A 124 17.27 -30.03 3.76
N ALA A 125 18.05 -30.78 4.56
CA ALA A 125 18.75 -30.22 5.71
C ALA A 125 20.12 -30.84 5.87
N LEU A 126 21.07 -30.04 6.30
CA LEU A 126 22.41 -30.51 6.61
C LEU A 126 22.29 -31.20 7.97
N LYS A 127 22.85 -32.40 8.12
CA LYS A 127 22.83 -33.08 9.43
C LYS A 127 23.80 -32.43 10.41
N GLU A 128 23.67 -32.81 11.69
CA GLU A 128 24.49 -32.21 12.73
C GLU A 128 25.98 -32.32 12.48
N ASP A 129 26.42 -33.38 11.79
CA ASP A 129 27.85 -33.56 11.55
C ASP A 129 28.41 -32.63 10.47
N LEU A 130 27.53 -31.85 9.84
CA LEU A 130 27.85 -30.88 8.82
C LEU A 130 28.56 -31.49 7.61
N ARG A 131 28.32 -32.78 7.39
CA ARG A 131 28.98 -33.55 6.34
C ARG A 131 28.01 -34.28 5.40
N SER A 132 26.75 -34.39 5.80
CA SER A 132 25.77 -35.21 5.10
C SER A 132 24.39 -34.55 5.18
N TRP A 133 23.48 -35.04 4.35
CA TRP A 133 22.20 -34.40 4.09
C TRP A 133 21.02 -35.33 4.33
N THR A 134 19.94 -34.73 4.85
CA THR A 134 18.68 -35.39 4.96
C THR A 134 17.79 -34.85 3.89
N ALA A 135 17.26 -35.76 3.06
CA ALA A 135 16.32 -35.34 2.03
C ALA A 135 14.92 -35.94 2.19
N ALA A 136 13.96 -35.03 2.06
CA ALA A 136 12.61 -35.24 2.55
C ALA A 136 11.89 -36.27 1.70
N ASP A 137 12.24 -36.35 0.41
CA ASP A 137 11.55 -37.19 -0.57
C ASP A 137 12.39 -37.29 -1.86
N MET A 138 11.77 -37.74 -2.94
CA MET A 138 12.48 -38.00 -4.16
C MET A 138 12.99 -36.75 -4.89
N ALA A 139 12.17 -35.72 -5.00
CA ALA A 139 12.65 -34.39 -5.46
C ALA A 139 13.90 -33.94 -4.70
N ALA A 140 13.85 -34.00 -3.39
CA ALA A 140 14.92 -33.54 -2.53
C ALA A 140 16.23 -34.35 -2.72
N GLN A 141 16.09 -35.64 -2.98
CA GLN A 141 17.26 -36.47 -3.27
C GLN A 141 18.02 -35.96 -4.49
N THR A 142 17.29 -35.42 -5.44
CA THR A 142 17.93 -34.87 -6.62
C THR A 142 18.81 -33.66 -6.25
N THR A 143 18.24 -32.76 -5.46
CA THR A 143 18.98 -31.61 -4.95
C THR A 143 20.18 -32.10 -4.12
N LYS A 144 19.97 -33.15 -3.30
CA LYS A 144 21.04 -33.70 -2.49
C LYS A 144 22.22 -34.07 -3.41
N HIS A 145 21.92 -34.75 -4.50
CA HIS A 145 22.96 -35.19 -5.40
C HIS A 145 23.67 -34.00 -6.01
N LYS A 146 22.93 -32.99 -6.44
CA LYS A 146 23.55 -31.77 -7.00
C LYS A 146 24.48 -31.15 -5.96
N TRP A 147 24.01 -31.01 -4.73
CA TRP A 147 24.82 -30.37 -3.68
C TRP A 147 26.00 -31.23 -3.19
N GLU A 148 25.86 -32.54 -3.25
CA GLU A 148 27.00 -33.44 -2.99
C GLU A 148 28.10 -33.26 -4.06
N ALA A 149 27.69 -33.21 -5.33
CA ALA A 149 28.65 -33.09 -6.42
C ALA A 149 29.41 -31.78 -6.35
N ALA A 150 28.74 -30.71 -5.91
CA ALA A 150 29.33 -29.37 -5.80
C ALA A 150 29.99 -29.11 -4.45
N HIS A 151 30.05 -30.13 -3.59
CA HIS A 151 30.70 -30.05 -2.28
C HIS A 151 30.17 -28.91 -1.38
N VAL A 152 28.85 -28.75 -1.42
CA VAL A 152 28.19 -27.70 -0.64
C VAL A 152 28.39 -27.86 0.88
N ALA A 153 28.29 -29.10 1.37
CA ALA A 153 28.43 -29.34 2.80
C ALA A 153 29.79 -28.87 3.35
N GLU A 154 30.87 -29.09 2.59
CA GLU A 154 32.20 -28.65 2.99
CA GLU A 154 32.21 -28.63 2.97
C GLU A 154 32.28 -27.12 3.10
N GLN A 155 31.70 -26.44 2.11
CA GLN A 155 31.58 -24.98 2.15
C GLN A 155 30.76 -24.51 3.35
N LEU A 156 29.62 -25.13 3.58
CA LEU A 156 28.78 -24.70 4.67
C LEU A 156 29.45 -25.00 5.98
N ARG A 157 30.12 -26.16 6.09
CA ARG A 157 30.85 -26.47 7.32
C ARG A 157 31.87 -25.38 7.66
N ALA A 158 32.62 -24.95 6.65
CA ALA A 158 33.65 -23.90 6.84
C ALA A 158 32.97 -22.62 7.31
N TYR A 159 31.86 -22.27 6.70
CA TYR A 159 31.10 -21.10 7.18
C TYR A 159 30.57 -21.28 8.62
N LEU A 160 29.88 -22.37 8.88
CA LEU A 160 29.20 -22.55 10.14
C LEU A 160 30.16 -22.69 11.33
N GLU A 161 31.26 -23.41 11.13
CA GLU A 161 32.21 -23.65 12.21
C GLU A 161 33.15 -22.48 12.35
N GLY A 162 33.31 -21.73 11.27
CA GLY A 162 34.32 -20.68 11.18
C GLY A 162 33.69 -19.28 11.20
N THR A 163 33.42 -18.77 9.99
CA THR A 163 32.85 -17.44 9.82
C THR A 163 31.75 -17.14 10.81
N CYS A 164 30.76 -18.05 10.92
CA CYS A 164 29.57 -17.80 11.71
C CYS A 164 29.93 -17.57 13.17
N VAL A 165 30.80 -18.43 13.68
CA VAL A 165 31.27 -18.33 15.07
C VAL A 165 32.08 -17.06 15.30
N GLU A 166 32.99 -16.77 14.38
CA GLU A 166 33.82 -15.57 14.50
C GLU A 166 32.93 -14.32 14.57
N TRP A 167 31.96 -14.25 13.68
CA TRP A 167 31.08 -13.08 13.61
C TRP A 167 30.11 -12.99 14.74
N LEU A 168 29.59 -14.13 15.17
CA LEU A 168 28.73 -14.11 16.34
C LEU A 168 29.47 -13.48 17.54
N ARG A 169 30.71 -13.89 17.74
N ARG A 169 30.71 -13.89 17.74
CA ARG A 169 31.54 -13.28 18.75
CA ARG A 169 31.55 -13.29 18.75
C ARG A 169 31.73 -11.77 18.50
C ARG A 169 31.73 -11.77 18.50
N ARG A 170 32.08 -11.40 17.27
CA ARG A 170 32.26 -10.01 16.92
C ARG A 170 31.01 -9.20 17.23
N TYR A 171 29.84 -9.71 16.84
CA TYR A 171 28.58 -9.01 17.07
C TYR A 171 28.27 -8.89 18.59
N LEU A 172 28.49 -9.98 19.31
CA LEU A 172 28.32 -9.97 20.76
C LEU A 172 29.19 -8.88 21.45
N GLU A 173 30.40 -8.72 20.98
CA GLU A 173 31.33 -7.70 21.47
C GLU A 173 30.84 -6.32 21.04
N ASN A 174 30.57 -6.15 19.75
CA ASN A 174 30.24 -4.83 19.23
C ASN A 174 28.91 -4.30 19.72
N GLY A 175 27.95 -5.21 19.95
CA GLY A 175 26.63 -4.86 20.48
C GLY A 175 26.43 -5.24 21.95
N LYS A 176 27.54 -5.24 22.68
CA LYS A 176 27.54 -5.71 24.07
CA LYS A 176 27.55 -5.72 24.06
C LYS A 176 26.41 -5.20 24.93
N GLU A 177 26.16 -3.90 24.90
CA GLU A 177 25.12 -3.35 25.78
C GLU A 177 23.71 -3.92 25.54
N THR A 178 23.40 -4.25 24.31
CA THR A 178 22.14 -4.89 23.93
C THR A 178 22.23 -6.41 24.05
N LEU A 179 23.30 -7.00 23.52
CA LEU A 179 23.33 -8.47 23.33
C LEU A 179 23.83 -9.28 24.52
N GLN A 180 24.75 -8.71 25.30
CA GLN A 180 25.32 -9.41 26.47
C GLN A 180 24.56 -9.12 27.76
N ARG A 181 23.36 -8.62 27.64
CA ARG A 181 22.60 -8.29 28.81
C ARG A 181 21.62 -9.42 29.17
N THR A 182 21.24 -9.48 30.45
N THR A 182 21.23 -9.45 30.44
CA THR A 182 20.06 -10.24 30.82
CA THR A 182 20.13 -10.28 30.91
C THR A 182 19.20 -9.27 31.59
C THR A 182 19.17 -9.40 31.71
N ASP A 183 17.92 -9.29 31.24
CA ASP A 183 16.89 -8.50 31.93
C ASP A 183 16.02 -9.53 32.61
N ALA A 184 16.10 -9.58 33.94
CA ALA A 184 15.28 -10.53 34.68
C ALA A 184 13.81 -10.12 34.60
N PRO A 185 12.92 -11.11 34.59
CA PRO A 185 11.49 -10.75 34.52
C PRO A 185 11.03 -9.95 35.71
N LYS A 186 10.21 -8.96 35.41
CA LYS A 186 9.41 -8.32 36.44
C LYS A 186 8.10 -9.10 36.54
N THR A 187 7.77 -9.55 37.73
CA THR A 187 6.64 -10.44 37.88
C THR A 187 5.56 -9.81 38.74
N HIS A 188 4.33 -10.25 38.45
CA HIS A 188 3.19 -9.98 39.30
C HIS A 188 2.06 -10.96 39.07
N MET A 189 1.03 -10.89 39.90
N MET A 189 1.06 -10.93 39.94
CA MET A 189 -0.08 -11.80 39.80
CA MET A 189 -0.12 -11.77 39.79
C MET A 189 -1.35 -10.95 39.81
C MET A 189 -1.35 -10.90 39.77
N THR A 190 -2.34 -11.37 39.04
CA THR A 190 -3.66 -10.77 39.08
C THR A 190 -4.70 -11.81 39.45
N HIS A 191 -5.83 -11.31 39.95
CA HIS A 191 -6.89 -12.15 40.44
C HIS A 191 -8.18 -11.53 39.96
N HIS A 192 -9.00 -12.31 39.25
N HIS A 192 -9.02 -12.31 39.30
CA HIS A 192 -10.31 -11.87 38.69
CA HIS A 192 -10.34 -11.81 38.91
C HIS A 192 -11.41 -12.92 38.97
C HIS A 192 -11.41 -12.91 38.99
N ALA A 193 -12.52 -12.52 39.59
CA ALA A 193 -13.61 -13.44 39.79
C ALA A 193 -14.23 -13.75 38.42
N VAL A 194 -14.44 -15.03 38.12
CA VAL A 194 -15.25 -15.43 36.94
C VAL A 194 -16.71 -15.77 37.33
N SER A 195 -16.93 -15.98 38.62
CA SER A 195 -18.26 -16.27 39.16
C SER A 195 -18.16 -16.08 40.66
N ASP A 196 -19.17 -16.55 41.41
CA ASP A 196 -19.05 -16.50 42.88
C ASP A 196 -18.24 -17.66 43.48
N HIS A 197 -17.91 -18.69 42.68
N HIS A 197 -17.91 -18.69 42.68
CA HIS A 197 -17.16 -19.83 43.20
CA HIS A 197 -17.15 -19.83 43.21
C HIS A 197 -15.84 -20.14 42.49
C HIS A 197 -15.84 -20.15 42.50
N GLU A 198 -15.41 -19.27 41.56
CA GLU A 198 -14.10 -19.41 40.86
C GLU A 198 -13.49 -18.08 40.53
N ALA A 199 -12.16 -18.07 40.47
CA ALA A 199 -11.39 -16.92 40.04
C ALA A 199 -10.21 -17.36 39.24
N THR A 200 -9.82 -16.47 38.33
CA THR A 200 -8.58 -16.65 37.55
C THR A 200 -7.43 -16.03 38.31
N LEU A 201 -6.34 -16.80 38.50
CA LEU A 201 -5.07 -16.28 38.94
C LEU A 201 -4.14 -16.32 37.74
N ARG A 202 -3.61 -15.17 37.40
CA ARG A 202 -2.72 -15.02 36.27
C ARG A 202 -1.37 -14.57 36.77
N CYS A 203 -0.36 -15.36 36.47
CA CYS A 203 1.04 -15.00 36.82
C CYS A 203 1.73 -14.44 35.59
N TRP A 204 2.23 -13.21 35.72
CA TRP A 204 2.91 -12.46 34.68
C TRP A 204 4.43 -12.39 34.83
N ALA A 205 5.11 -12.50 33.68
CA ALA A 205 6.52 -12.18 33.54
C ALA A 205 6.68 -11.13 32.42
N LEU A 206 7.26 -9.98 32.76
CA LEU A 206 7.39 -8.87 31.80
C LEU A 206 8.80 -8.33 31.69
N SER A 207 9.09 -7.75 30.54
N SER A 207 9.09 -7.74 30.54
CA SER A 207 10.31 -6.98 30.32
CA SER A 207 10.32 -6.98 30.35
C SER A 207 11.59 -7.83 30.52
C SER A 207 11.60 -7.83 30.53
N PHE A 208 11.57 -9.10 30.09
CA PHE A 208 12.72 -9.98 30.21
C PHE A 208 13.44 -10.19 28.85
N TYR A 209 14.72 -10.56 28.98
CA TYR A 209 15.60 -10.88 27.89
C TYR A 209 16.70 -11.77 28.46
N PRO A 210 17.07 -12.87 27.75
CA PRO A 210 16.52 -13.34 26.47
C PRO A 210 15.14 -13.91 26.63
N ALA A 211 14.56 -14.39 25.53
CA ALA A 211 13.15 -14.82 25.57
C ALA A 211 12.92 -16.12 26.36
N GLU A 212 13.93 -16.98 26.45
CA GLU A 212 13.80 -18.27 27.13
C GLU A 212 13.37 -18.06 28.58
N ILE A 213 12.26 -18.68 28.93
CA ILE A 213 11.71 -18.62 30.29
C ILE A 213 10.83 -19.83 30.55
N THR A 214 10.68 -20.17 31.83
N THR A 214 10.66 -20.19 31.83
CA THR A 214 9.72 -21.19 32.23
CA THR A 214 9.66 -21.18 32.19
C THR A 214 8.78 -20.62 33.29
C THR A 214 8.77 -20.62 33.29
N LEU A 215 7.47 -20.72 33.05
CA LEU A 215 6.43 -20.27 33.99
C LEU A 215 5.51 -21.43 34.24
N THR A 216 5.38 -21.84 35.50
CA THR A 216 4.52 -22.95 35.80
C THR A 216 3.67 -22.67 37.05
N TRP A 217 2.50 -23.27 37.10
CA TRP A 217 1.70 -23.30 38.32
C TRP A 217 1.71 -24.67 38.98
N GLN A 218 1.71 -24.68 40.32
CA GLN A 218 1.54 -25.87 41.12
C GLN A 218 0.40 -25.67 42.10
N ARG A 219 -0.23 -26.77 42.46
CA ARG A 219 -1.21 -26.77 43.51
C ARG A 219 -0.68 -27.75 44.56
N ASP A 220 -0.47 -27.26 45.77
CA ASP A 220 0.14 -28.08 46.84
C ASP A 220 1.43 -28.77 46.35
N GLY A 221 2.20 -28.07 45.51
CA GLY A 221 3.49 -28.57 45.05
C GLY A 221 3.42 -29.50 43.85
N GLU A 222 2.22 -29.81 43.40
CA GLU A 222 2.03 -30.61 42.19
C GLU A 222 1.83 -29.77 40.92
N ASP A 223 2.63 -30.00 39.88
CA ASP A 223 2.44 -29.31 38.60
C ASP A 223 1.01 -29.40 38.05
N GLN A 224 0.48 -28.29 37.56
CA GLN A 224 -0.86 -28.18 36.96
C GLN A 224 -0.86 -27.94 35.46
N THR A 225 0.11 -28.56 34.78
CA THR A 225 0.31 -28.34 33.33
C THR A 225 -1.00 -28.44 32.50
N GLN A 226 -1.73 -29.53 32.69
CA GLN A 226 -2.97 -29.78 31.94
C GLN A 226 -4.07 -28.77 32.24
N ASP A 227 -3.99 -28.05 33.37
CA ASP A 227 -5.02 -27.11 33.73
C ASP A 227 -4.51 -25.65 33.72
N THR A 228 -3.36 -25.41 33.09
CA THR A 228 -2.81 -24.07 33.01
C THR A 228 -3.01 -23.52 31.60
N GLU A 229 -3.52 -22.29 31.49
CA GLU A 229 -3.50 -21.59 30.21
C GLU A 229 -2.17 -20.85 30.13
N LEU A 230 -1.33 -21.22 29.15
CA LEU A 230 0.00 -20.69 29.00
C LEU A 230 0.05 -20.06 27.64
N VAL A 231 0.32 -18.78 27.57
CA VAL A 231 0.45 -18.14 26.25
C VAL A 231 1.85 -18.26 25.70
N GLU A 232 1.98 -18.19 24.38
N GLU A 232 1.98 -18.20 24.38
CA GLU A 232 3.29 -18.11 23.76
CA GLU A 232 3.29 -18.13 23.75
C GLU A 232 4.04 -16.87 24.23
C GLU A 232 4.05 -16.87 24.21
N THR A 233 5.35 -17.05 24.46
CA THR A 233 6.21 -15.91 24.77
C THR A 233 6.14 -14.92 23.62
N ARG A 234 5.97 -13.64 23.93
CA ARG A 234 5.60 -12.63 22.93
C ARG A 234 6.50 -11.40 23.09
N PRO A 235 6.83 -10.75 21.99
CA PRO A 235 7.69 -9.54 22.01
C PRO A 235 6.92 -8.36 22.51
N ALA A 236 7.57 -7.61 23.37
CA ALA A 236 7.00 -6.31 23.80
C ALA A 236 7.11 -5.15 22.76
N GLY A 237 8.06 -5.28 21.85
CA GLY A 237 8.31 -4.33 20.79
C GLY A 237 9.52 -3.47 21.09
N ASP A 238 10.04 -3.58 22.29
CA ASP A 238 11.17 -2.76 22.78
C ASP A 238 12.43 -3.62 23.05
N GLY A 239 12.50 -4.83 22.50
CA GLY A 239 13.61 -5.73 22.73
C GLY A 239 13.51 -6.65 23.92
N THR A 240 12.39 -6.59 24.64
CA THR A 240 12.07 -7.49 25.77
C THR A 240 10.87 -8.34 25.42
N PHE A 241 10.62 -9.33 26.27
CA PHE A 241 9.58 -10.29 26.09
C PHE A 241 8.58 -10.34 27.24
N GLN A 242 7.45 -10.98 26.98
CA GLN A 242 6.40 -11.13 27.97
C GLN A 242 5.85 -12.55 27.90
N LYS A 243 5.32 -13.02 29.03
CA LYS A 243 4.59 -14.28 29.11
C LYS A 243 3.68 -14.27 30.33
N TRP A 244 2.59 -15.00 30.26
CA TRP A 244 1.79 -15.28 31.45
C TRP A 244 1.26 -16.69 31.45
N ALA A 245 0.83 -17.13 32.62
CA ALA A 245 0.28 -18.46 32.87
C ALA A 245 -0.93 -18.27 33.77
N ALA A 246 -2.08 -18.83 33.44
CA ALA A 246 -3.26 -18.68 34.31
C ALA A 246 -3.89 -19.99 34.72
N VAL A 247 -4.44 -20.00 35.92
CA VAL A 247 -5.20 -21.12 36.41
C VAL A 247 -6.54 -20.61 36.98
N VAL A 248 -7.56 -21.44 36.88
CA VAL A 248 -8.82 -21.13 37.55
C VAL A 248 -8.88 -21.88 38.85
N VAL A 249 -9.01 -21.10 39.91
CA VAL A 249 -8.92 -21.50 41.33
C VAL A 249 -10.30 -21.47 41.95
N PRO A 250 -10.75 -22.62 42.48
CA PRO A 250 -11.99 -22.55 43.22
C PRO A 250 -11.83 -21.57 44.40
N SER A 251 -12.85 -20.76 44.66
CA SER A 251 -12.73 -19.72 45.69
C SER A 251 -12.39 -20.32 47.07
N GLY A 252 -11.50 -19.63 47.78
CA GLY A 252 -10.93 -20.12 49.04
C GLY A 252 -9.68 -20.99 48.92
N GLN A 253 -9.31 -21.38 47.71
CA GLN A 253 -8.12 -22.20 47.54
C GLN A 253 -6.87 -21.47 47.04
N GLU A 254 -6.88 -20.12 46.95
CA GLU A 254 -5.75 -19.36 46.43
C GLU A 254 -4.40 -19.75 47.08
N GLN A 255 -4.43 -20.02 48.38
CA GLN A 255 -3.20 -20.34 49.13
C GLN A 255 -2.53 -21.65 48.70
N ARG A 256 -3.28 -22.52 48.01
CA ARG A 256 -2.71 -23.77 47.57
C ARG A 256 -1.80 -23.59 46.36
N TYR A 257 -1.94 -22.48 45.64
CA TYR A 257 -1.33 -22.36 44.33
C TYR A 257 -0.04 -21.56 44.39
N THR A 258 0.99 -22.02 43.69
CA THR A 258 2.22 -21.28 43.57
C THR A 258 2.62 -21.18 42.11
N CYS A 259 3.15 -20.01 41.73
CA CYS A 259 3.66 -19.79 40.37
C CYS A 259 5.18 -19.79 40.44
N HIS A 260 5.82 -20.51 39.52
CA HIS A 260 7.27 -20.73 39.55
C HIS A 260 7.86 -20.12 38.32
N VAL A 261 8.89 -19.29 38.48
CA VAL A 261 9.49 -18.59 37.34
C VAL A 261 10.99 -18.93 37.30
N GLN A 262 11.43 -19.39 36.13
CA GLN A 262 12.85 -19.66 35.87
C GLN A 262 13.30 -18.87 34.67
N HIS A 263 14.42 -18.15 34.85
CA HIS A 263 14.98 -17.30 33.80
C HIS A 263 16.46 -17.07 34.12
N GLU A 264 17.27 -16.95 33.06
CA GLU A 264 18.70 -16.68 33.18
C GLU A 264 19.03 -15.52 34.11
N GLY A 265 18.17 -14.51 34.17
CA GLY A 265 18.41 -13.32 34.97
C GLY A 265 18.08 -13.47 36.43
N LEU A 266 17.49 -14.62 36.79
CA LEU A 266 17.14 -14.97 38.16
C LEU A 266 18.11 -16.00 38.75
N PRO A 267 18.94 -15.55 39.69
CA PRO A 267 19.92 -16.45 40.32
C PRO A 267 19.25 -17.67 40.93
N LYS A 268 18.11 -17.41 41.58
CA LYS A 268 17.27 -18.44 42.13
C LYS A 268 15.89 -18.30 41.46
N PRO A 269 15.28 -19.42 41.09
CA PRO A 269 13.92 -19.28 40.60
C PRO A 269 13.00 -18.69 41.67
N LEU A 270 11.94 -18.07 41.18
CA LEU A 270 10.97 -17.41 42.03
C LEU A 270 9.82 -18.37 42.29
N THR A 271 9.27 -18.27 43.50
CA THR A 271 8.01 -18.90 43.82
C THR A 271 7.07 -17.79 44.28
N LEU A 272 5.96 -17.59 43.55
N LEU A 272 5.95 -17.62 43.57
CA LEU A 272 4.97 -16.55 43.88
CA LEU A 272 4.99 -16.58 43.90
C LEU A 272 3.67 -17.18 44.39
C LEU A 272 3.68 -17.19 44.38
N ARG A 273 3.04 -16.55 45.37
CA ARG A 273 1.76 -17.00 45.89
C ARG A 273 0.83 -15.79 45.98
N TRP A 274 -0.45 -16.03 45.78
CA TRP A 274 -1.48 -15.03 45.99
C TRP A 274 -1.82 -15.09 47.47
N GLU A 275 -1.49 -14.04 48.20
CA GLU A 275 -1.78 -14.00 49.62
C GLU A 275 -1.75 -12.56 50.13
N MET B 1 -1.67 -28.04 -0.14
CA MET B 1 -0.46 -27.54 0.54
C MET B 1 -0.75 -27.24 1.99
N ILE B 2 0.31 -27.20 2.79
CA ILE B 2 0.25 -26.81 4.20
C ILE B 2 -0.40 -25.46 4.41
N GLN B 3 -1.39 -25.43 5.31
CA GLN B 3 -1.96 -24.19 5.80
C GLN B 3 -2.10 -24.27 7.31
N ARG B 4 -1.51 -23.30 8.01
CA ARG B 4 -1.50 -23.26 9.46
C ARG B 4 -2.16 -21.97 9.91
N THR B 5 -3.04 -22.08 10.90
CA THR B 5 -3.85 -20.96 11.35
C THR B 5 -3.04 -20.06 12.23
N PRO B 6 -3.15 -18.74 12.02
CA PRO B 6 -2.48 -17.92 13.00
C PRO B 6 -2.98 -17.96 14.46
N LYS B 7 -2.04 -18.00 15.41
N LYS B 7 -2.04 -18.00 15.41
CA LYS B 7 -2.33 -17.64 16.79
CA LYS B 7 -2.33 -17.66 16.80
C LYS B 7 -2.32 -16.12 16.85
C LYS B 7 -2.32 -16.12 16.85
N ILE B 8 -3.14 -15.56 17.73
CA ILE B 8 -3.28 -14.12 17.81
C ILE B 8 -3.27 -13.68 19.26
N GLN B 9 -2.37 -12.73 19.58
CA GLN B 9 -2.39 -12.08 20.91
C GLN B 9 -2.39 -10.57 20.74
N VAL B 10 -3.30 -9.89 21.42
N VAL B 10 -3.29 -9.89 21.41
CA VAL B 10 -3.41 -8.42 21.35
CA VAL B 10 -3.36 -8.42 21.35
C VAL B 10 -3.12 -7.94 22.76
C VAL B 10 -3.12 -7.93 22.76
N TYR B 11 -2.23 -6.96 22.88
CA TYR B 11 -1.69 -6.59 24.22
C TYR B 11 -0.88 -5.35 24.12
N SER B 12 -0.66 -4.75 25.29
CA SER B 12 0.17 -3.52 25.35
C SER B 12 1.62 -3.81 25.69
N ARG B 13 2.50 -2.92 25.23
CA ARG B 13 3.92 -3.05 25.52
C ARG B 13 4.22 -2.94 27.01
N HIS B 14 3.58 -1.97 27.65
CA HIS B 14 3.72 -1.68 29.06
C HIS B 14 2.37 -1.94 29.74
N PRO B 15 2.38 -2.20 31.04
CA PRO B 15 1.09 -2.29 31.72
C PRO B 15 0.23 -1.05 31.45
N ALA B 16 -1.03 -1.24 31.10
CA ALA B 16 -1.87 -0.11 30.70
C ALA B 16 -2.20 0.76 31.88
N GLU B 17 -1.94 2.06 31.71
CA GLU B 17 -2.34 3.03 32.68
C GLU B 17 -3.08 4.09 31.94
N ASN B 18 -4.30 4.39 32.38
CA ASN B 18 -5.10 5.31 31.61
C ASN B 18 -4.44 6.71 31.52
N GLY B 19 -4.44 7.28 30.33
CA GLY B 19 -3.78 8.57 30.08
C GLY B 19 -2.27 8.56 29.88
N LYS B 20 -1.63 7.39 29.93
CA LYS B 20 -0.19 7.25 29.65
C LYS B 20 0.11 6.57 28.33
N SER B 21 1.08 7.16 27.62
CA SER B 21 1.53 6.69 26.32
C SER B 21 2.01 5.23 26.39
N ASN B 22 1.74 4.50 25.34
CA ASN B 22 2.05 3.08 25.28
C ASN B 22 2.09 2.64 23.82
N PHE B 23 2.19 1.32 23.61
CA PHE B 23 2.08 0.75 22.28
C PHE B 23 1.10 -0.40 22.36
N LEU B 24 0.25 -0.44 21.37
CA LEU B 24 -0.67 -1.55 21.17
C LEU B 24 -0.06 -2.50 20.17
N ASN B 25 0.01 -3.76 20.57
CA ASN B 25 0.60 -4.87 19.81
C ASN B 25 -0.43 -5.93 19.41
N CYS B 26 -0.29 -6.47 18.20
CA CYS B 26 -0.96 -7.68 17.80
C CYS B 26 0.15 -8.59 17.25
N TYR B 27 0.41 -9.69 17.97
CA TYR B 27 1.41 -10.68 17.59
C TYR B 27 0.68 -11.86 16.96
N VAL B 28 0.99 -12.12 15.68
CA VAL B 28 0.42 -13.25 14.96
C VAL B 28 1.57 -14.24 14.72
N SER B 29 1.31 -15.50 14.98
CA SER B 29 2.34 -16.51 14.94
C SER B 29 1.76 -17.86 14.57
N GLY B 30 2.65 -18.76 14.17
CA GLY B 30 2.28 -20.14 13.86
C GLY B 30 1.53 -20.32 12.56
N PHE B 31 1.61 -19.34 11.66
CA PHE B 31 0.83 -19.40 10.43
C PHE B 31 1.65 -19.78 9.20
N HIS B 32 0.95 -20.30 8.18
CA HIS B 32 1.51 -20.60 6.88
C HIS B 32 0.34 -20.71 5.91
N PRO B 33 0.42 -20.14 4.70
CA PRO B 33 1.50 -19.33 4.11
C PRO B 33 1.56 -17.96 4.74
N SER B 34 2.54 -17.17 4.30
CA SER B 34 2.82 -15.90 4.95
C SER B 34 1.87 -14.76 4.64
N ASP B 35 1.07 -14.88 3.61
CA ASP B 35 0.11 -13.83 3.26
C ASP B 35 -0.90 -13.67 4.40
N ILE B 36 -0.92 -12.50 5.03
CA ILE B 36 -1.86 -12.30 6.17
C ILE B 36 -2.23 -10.83 6.23
N GLU B 37 -3.42 -10.55 6.75
CA GLU B 37 -3.93 -9.18 6.90
C GLU B 37 -4.19 -9.02 8.37
N VAL B 38 -3.60 -7.95 8.94
CA VAL B 38 -3.74 -7.66 10.38
C VAL B 38 -4.02 -6.18 10.50
N ASP B 39 -5.15 -5.86 11.13
CA ASP B 39 -5.47 -4.46 11.44
C ASP B 39 -5.63 -4.30 12.92
N LEU B 40 -5.25 -3.14 13.43
CA LEU B 40 -5.59 -2.74 14.79
C LEU B 40 -6.77 -1.76 14.70
N LEU B 41 -7.69 -1.91 15.64
CA LEU B 41 -8.92 -1.11 15.68
C LEU B 41 -9.02 -0.30 16.95
N LYS B 42 -9.47 0.96 16.81
CA LYS B 42 -9.86 1.79 17.92
C LYS B 42 -11.35 2.10 17.79
N ASN B 43 -12.13 1.66 18.77
CA ASN B 43 -13.58 1.77 18.72
C ASN B 43 -14.15 1.30 17.38
N GLY B 44 -13.63 0.18 16.91
CA GLY B 44 -14.12 -0.43 15.68
C GLY B 44 -13.55 0.09 14.36
N GLU B 45 -12.79 1.20 14.41
CA GLU B 45 -12.25 1.83 13.21
C GLU B 45 -10.79 1.45 13.04
N ARG B 46 -10.41 1.20 11.78
CA ARG B 46 -9.05 0.83 11.43
C ARG B 46 -8.09 1.97 11.72
N ILE B 47 -7.06 1.65 12.49
CA ILE B 47 -5.98 2.56 12.78
C ILE B 47 -5.04 2.55 11.57
N GLU B 48 -4.73 3.72 11.06
CA GLU B 48 -4.00 3.91 9.79
C GLU B 48 -2.49 3.77 9.97
N LYS B 49 -1.96 4.32 11.05
CA LYS B 49 -0.52 4.34 11.32
C LYS B 49 -0.06 3.10 12.11
N VAL B 50 -0.03 1.96 11.42
CA VAL B 50 0.38 0.68 12.02
C VAL B 50 1.62 0.16 11.30
N GLU B 51 2.66 -0.10 12.08
CA GLU B 51 3.87 -0.73 11.55
C GLU B 51 3.90 -2.18 11.89
N HIS B 52 4.80 -2.91 11.24
CA HIS B 52 4.99 -4.32 11.55
C HIS B 52 6.44 -4.70 11.41
N SER B 53 6.78 -5.77 12.11
CA SER B 53 8.10 -6.35 12.09
C SER B 53 8.36 -7.01 10.77
N ASP B 54 9.64 -7.25 10.47
CA ASP B 54 10.02 -8.00 9.26
C ASP B 54 9.70 -9.47 9.38
N LEU B 55 9.17 -10.01 8.30
CA LEU B 55 8.78 -11.44 8.25
C LEU B 55 9.90 -12.37 8.69
N SER B 56 9.57 -13.20 9.68
N SER B 56 9.57 -13.19 9.71
CA SER B 56 10.51 -14.19 10.20
CA SER B 56 10.52 -14.18 10.27
C SER B 56 9.73 -15.47 10.50
C SER B 56 9.72 -15.46 10.51
N PHE B 57 10.42 -16.52 10.90
CA PHE B 57 9.77 -17.79 11.12
C PHE B 57 10.45 -18.61 12.18
N SER B 58 9.69 -19.58 12.68
CA SER B 58 10.10 -20.41 13.78
C SER B 58 10.79 -21.67 13.32
N LYS B 59 11.31 -22.48 14.26
CA LYS B 59 12.01 -23.73 13.89
C LYS B 59 11.15 -24.68 13.05
N ASP B 60 9.83 -24.65 13.30
CA ASP B 60 8.86 -25.45 12.56
C ASP B 60 8.42 -24.87 11.21
N TRP B 61 9.07 -23.78 10.79
CA TRP B 61 8.81 -23.06 9.52
C TRP B 61 7.63 -22.08 9.58
N SER B 62 6.83 -22.13 10.63
N SER B 62 6.83 -22.13 10.64
CA SER B 62 5.68 -21.22 10.72
CA SER B 62 5.67 -21.21 10.76
C SER B 62 6.09 -19.78 10.94
C SER B 62 6.11 -19.77 10.93
N PHE B 63 5.35 -18.85 10.32
CA PHE B 63 5.67 -17.41 10.34
C PHE B 63 5.21 -16.70 11.61
N TYR B 64 5.87 -15.60 11.93
CA TYR B 64 5.37 -14.69 12.98
C TYR B 64 5.66 -13.24 12.60
N LEU B 65 4.77 -12.36 13.05
CA LEU B 65 4.84 -10.93 12.81
C LEU B 65 4.29 -10.20 14.01
N LEU B 66 4.90 -9.05 14.33
CA LEU B 66 4.34 -8.15 15.35
C LEU B 66 3.85 -6.91 14.65
N TYR B 67 2.57 -6.61 14.79
CA TYR B 67 1.99 -5.36 14.32
C TYR B 67 1.80 -4.40 15.52
N TYR B 68 2.09 -3.11 15.37
CA TYR B 68 2.12 -2.24 16.52
C TYR B 68 1.85 -0.81 16.15
N THR B 69 1.32 -0.09 17.14
CA THR B 69 1.09 1.32 16.98
C THR B 69 1.08 2.00 18.32
N GLU B 70 1.39 3.30 18.32
CA GLU B 70 1.28 4.04 19.54
C GLU B 70 -0.17 4.19 19.95
N PHE B 71 -0.42 4.18 21.25
CA PHE B 71 -1.74 4.48 21.80
C PHE B 71 -1.64 4.90 23.24
N THR B 72 -2.69 5.59 23.65
CA THR B 72 -2.82 6.07 25.03
C THR B 72 -4.16 5.55 25.52
N PRO B 73 -4.13 4.47 26.30
CA PRO B 73 -5.38 3.89 26.76
C PRO B 73 -6.17 4.80 27.68
N THR B 74 -7.48 4.61 27.63
CA THR B 74 -8.41 5.31 28.53
C THR B 74 -9.34 4.29 29.15
N GLU B 75 -10.22 4.76 30.04
CA GLU B 75 -11.17 3.83 30.63
C GLU B 75 -12.13 3.28 29.57
N LYS B 76 -12.58 4.15 28.66
CA LYS B 76 -13.69 3.81 27.76
C LYS B 76 -13.33 3.40 26.33
N ASP B 77 -12.15 3.77 25.84
CA ASP B 77 -11.81 3.42 24.44
C ASP B 77 -11.58 1.93 24.34
N GLU B 78 -12.06 1.35 23.25
CA GLU B 78 -11.94 -0.08 22.99
C GLU B 78 -10.95 -0.34 21.86
N TYR B 79 -10.11 -1.32 22.08
CA TYR B 79 -9.16 -1.71 21.07
C TYR B 79 -9.30 -3.19 20.73
N ALA B 80 -8.91 -3.53 19.52
CA ALA B 80 -8.96 -4.90 19.05
C ALA B 80 -7.96 -5.10 17.91
N CYS B 81 -7.74 -6.36 17.56
CA CYS B 81 -6.96 -6.79 16.40
C CYS B 81 -7.88 -7.61 15.48
N ARG B 82 -7.82 -7.37 14.19
CA ARG B 82 -8.64 -8.12 13.25
C ARG B 82 -7.71 -8.82 12.24
N VAL B 83 -7.81 -10.14 12.15
CA VAL B 83 -6.85 -10.93 11.36
C VAL B 83 -7.56 -11.72 10.28
N ASN B 84 -7.03 -11.67 9.06
CA ASN B 84 -7.55 -12.53 8.02
C ASN B 84 -6.42 -13.34 7.41
N HIS B 85 -6.76 -14.56 7.03
CA HIS B 85 -5.75 -15.53 6.58
C HIS B 85 -6.53 -16.61 5.84
N VAL B 86 -5.89 -17.31 4.91
CA VAL B 86 -6.58 -18.37 4.16
C VAL B 86 -7.25 -19.45 5.05
N THR B 87 -6.72 -19.68 6.25
CA THR B 87 -7.24 -20.69 7.16
C THR B 87 -8.49 -20.26 7.89
N LEU B 88 -8.87 -18.99 7.76
CA LEU B 88 -10.02 -18.45 8.50
C LEU B 88 -11.19 -18.24 7.57
N SER B 89 -12.36 -18.80 7.95
CA SER B 89 -13.56 -18.71 7.14
C SER B 89 -14.10 -17.28 7.14
N GLN B 90 -13.82 -16.54 8.21
CA GLN B 90 -14.05 -15.10 8.25
C GLN B 90 -12.94 -14.48 9.11
N PRO B 91 -12.70 -13.16 8.95
CA PRO B 91 -11.73 -12.51 9.80
C PRO B 91 -12.00 -12.72 11.28
N LYS B 92 -10.96 -12.95 12.05
CA LYS B 92 -11.03 -13.17 13.48
C LYS B 92 -10.75 -11.85 14.18
N ILE B 93 -11.64 -11.44 15.08
CA ILE B 93 -11.45 -10.22 15.89
C ILE B 93 -11.12 -10.64 17.32
N VAL B 94 -9.99 -10.14 17.83
CA VAL B 94 -9.66 -10.38 19.22
C VAL B 94 -9.62 -9.02 19.91
N LYS B 95 -10.42 -8.88 20.97
CA LYS B 95 -10.48 -7.63 21.73
C LYS B 95 -9.31 -7.53 22.67
N TRP B 96 -8.79 -6.32 22.83
CA TRP B 96 -7.77 -6.06 23.80
C TRP B 96 -8.39 -6.01 25.20
N ASP B 97 -7.77 -6.76 26.12
CA ASP B 97 -8.15 -6.82 27.50
C ASP B 97 -6.88 -6.51 28.26
N ARG B 98 -6.92 -5.44 29.04
CA ARG B 98 -5.63 -4.99 29.57
C ARG B 98 -4.91 -5.96 30.52
N ASP B 99 -5.58 -7.03 30.95
N ASP B 99 -5.58 -7.02 30.94
CA ASP B 99 -4.90 -8.02 31.76
CA ASP B 99 -4.95 -8.00 31.78
C ASP B 99 -4.72 -9.33 31.03
C ASP B 99 -4.75 -9.32 31.04
N MET B 100 -4.54 -9.25 29.72
CA MET B 100 -4.17 -10.42 28.90
C MET B 100 -3.07 -10.14 27.90
N ALA C 3 26.31 -15.75 4.64
CA ALA C 3 27.24 -16.72 4.06
C ALA C 3 27.62 -16.25 2.63
N GLY C 4 28.89 -16.38 2.31
CA GLY C 4 29.35 -16.03 0.97
C GLY C 4 29.70 -17.23 0.11
N ILE C 5 29.54 -18.42 0.67
CA ILE C 5 29.82 -19.69 0.00
C ILE C 5 28.79 -20.69 0.46
N GLY C 6 28.57 -21.72 -0.36
CA GLY C 6 27.66 -22.77 0.04
C GLY C 6 26.19 -22.54 -0.25
N ILE C 7 25.81 -21.42 -0.84
CA ILE C 7 24.38 -21.08 -1.11
C ILE C 7 24.10 -21.23 -2.60
N LEU C 8 23.64 -22.41 -2.96
CA LEU C 8 23.51 -22.83 -4.36
C LEU C 8 22.03 -23.12 -4.67
N THR C 9 21.63 -22.96 -5.94
CA THR C 9 20.29 -23.33 -6.42
C THR C 9 20.02 -24.83 -6.15
N GLY D 1 -19.17 27.61 -30.80
CA GLY D 1 -19.57 26.61 -29.80
C GLY D 1 -19.59 27.24 -28.42
N SER D 2 -20.16 26.51 -27.48
CA SER D 2 -20.15 26.92 -26.06
C SER D 2 -18.73 26.74 -25.48
N HIS D 3 -18.50 27.43 -24.37
CA HIS D 3 -17.26 27.25 -23.63
C HIS D 3 -17.49 27.25 -22.14
N SER D 4 -16.49 26.76 -21.41
CA SER D 4 -16.60 26.72 -19.96
C SER D 4 -15.28 27.12 -19.32
N MET D 5 -15.37 27.59 -18.09
CA MET D 5 -14.22 27.78 -17.18
C MET D 5 -14.55 27.07 -15.88
N ARG D 6 -13.60 26.35 -15.31
CA ARG D 6 -13.81 25.69 -14.02
C ARG D 6 -12.60 25.68 -13.18
N TYR D 7 -12.80 25.87 -11.89
CA TYR D 7 -11.69 25.70 -10.91
C TYR D 7 -12.10 24.54 -10.03
N PHE D 8 -11.12 23.70 -9.68
CA PHE D 8 -11.29 22.48 -8.87
C PHE D 8 -10.31 22.58 -7.71
N PHE D 9 -10.79 22.38 -6.50
CA PHE D 9 -9.98 22.53 -5.29
C PHE D 9 -10.16 21.28 -4.45
N THR D 10 -9.08 20.66 -4.03
CA THR D 10 -9.08 19.50 -3.17
C THR D 10 -8.19 19.73 -1.95
N SER D 11 -8.71 19.44 -0.74
CA SER D 11 -7.88 19.44 0.45
C SER D 11 -8.02 18.14 1.20
N VAL D 12 -6.89 17.61 1.65
CA VAL D 12 -6.85 16.29 2.25
C VAL D 12 -6.11 16.36 3.58
N SER D 13 -6.78 16.06 4.68
CA SER D 13 -6.11 16.07 5.96
C SER D 13 -5.19 14.87 6.11
N ARG D 14 -4.14 15.05 6.87
CA ARG D 14 -3.20 13.98 7.16
C ARG D 14 -2.73 14.16 8.62
N PRO D 15 -3.59 13.76 9.57
CA PRO D 15 -3.32 14.04 10.97
C PRO D 15 -1.99 13.43 11.40
N GLY D 16 -1.26 14.19 12.21
CA GLY D 16 0.07 13.80 12.66
C GLY D 16 1.17 14.14 11.66
N ARG D 17 0.79 14.49 10.43
CA ARG D 17 1.75 14.65 9.35
C ARG D 17 1.67 16.04 8.72
N GLY D 18 1.37 17.03 9.56
CA GLY D 18 1.36 18.44 9.15
C GLY D 18 0.03 18.93 8.63
N GLU D 19 0.05 20.11 8.00
CA GLU D 19 -1.16 20.74 7.49
C GLU D 19 -1.77 19.90 6.37
N PRO D 20 -3.08 20.06 6.12
CA PRO D 20 -3.64 19.37 4.97
C PRO D 20 -2.99 19.76 3.66
N ARG D 21 -2.92 18.82 2.73
CA ARG D 21 -2.47 19.15 1.39
C ARG D 21 -3.60 19.80 0.61
N PHE D 22 -3.28 20.86 -0.13
CA PHE D 22 -4.26 21.59 -0.90
C PHE D 22 -3.79 21.69 -2.36
N ILE D 23 -4.66 21.29 -3.28
N ILE D 23 -4.65 21.28 -3.28
CA ILE D 23 -4.36 21.32 -4.72
CA ILE D 23 -4.34 21.36 -4.71
C ILE D 23 -5.49 22.05 -5.44
C ILE D 23 -5.50 22.11 -5.36
N ALA D 24 -5.15 23.10 -6.20
CA ALA D 24 -6.08 23.85 -7.02
C ALA D 24 -5.66 23.69 -8.49
N VAL D 25 -6.64 23.48 -9.37
CA VAL D 25 -6.41 23.48 -10.82
C VAL D 25 -7.50 24.30 -11.51
N GLY D 26 -7.14 24.99 -12.59
CA GLY D 26 -8.08 25.76 -13.40
C GLY D 26 -8.05 25.26 -14.82
N TYR D 27 -9.22 25.16 -15.44
CA TYR D 27 -9.41 24.72 -16.80
C TYR D 27 -10.23 25.71 -17.59
N VAL D 28 -9.89 25.84 -18.87
CA VAL D 28 -10.83 26.38 -19.87
C VAL D 28 -11.19 25.23 -20.79
N ASP D 29 -12.47 25.00 -20.98
CA ASP D 29 -12.91 23.81 -21.67
C ASP D 29 -12.09 22.58 -21.19
N ASP D 30 -11.43 21.80 -22.07
CA ASP D 30 -10.68 20.63 -21.63
C ASP D 30 -9.19 20.88 -21.50
N THR D 31 -8.79 22.15 -21.36
CA THR D 31 -7.40 22.53 -21.26
C THR D 31 -7.09 23.10 -19.88
N GLN D 32 -6.20 22.44 -19.16
CA GLN D 32 -5.72 22.99 -17.87
C GLN D 32 -4.82 24.17 -18.16
N PHE D 33 -4.95 25.24 -17.37
CA PHE D 33 -4.06 26.42 -17.53
C PHE D 33 -3.36 26.89 -16.29
N VAL D 34 -3.80 26.53 -15.09
CA VAL D 34 -3.08 26.89 -13.85
C VAL D 34 -3.11 25.78 -12.80
N ARG D 35 -2.19 25.83 -11.85
CA ARG D 35 -2.22 24.95 -10.69
C ARG D 35 -1.64 25.65 -9.46
N PHE D 36 -2.01 25.14 -8.29
CA PHE D 36 -1.36 25.44 -7.02
C PHE D 36 -1.29 24.14 -6.23
N ASP D 37 -0.15 23.88 -5.61
CA ASP D 37 0.01 22.69 -4.77
C ASP D 37 0.67 23.12 -3.47
N SER D 38 -0.02 22.98 -2.35
CA SER D 38 0.52 23.45 -1.07
C SER D 38 1.86 22.81 -0.72
N ASP D 39 2.13 21.63 -1.26
CA ASP D 39 3.37 20.93 -0.95
C ASP D 39 4.57 21.38 -1.79
N ALA D 40 4.29 22.08 -2.88
CA ALA D 40 5.35 22.49 -3.80
C ALA D 40 6.17 23.66 -3.25
N ALA D 41 7.34 23.83 -3.84
CA ALA D 41 8.31 24.81 -3.37
C ALA D 41 7.88 26.27 -3.60
N SER D 42 7.23 26.55 -4.72
CA SER D 42 7.04 27.95 -5.11
C SER D 42 6.09 28.68 -4.22
N GLN D 43 5.08 27.98 -3.70
CA GLN D 43 3.97 28.60 -2.97
C GLN D 43 3.30 29.71 -3.82
N ARG D 44 3.19 29.45 -5.13
N ARG D 44 3.19 29.48 -5.12
CA ARG D 44 2.55 30.33 -6.08
CA ARG D 44 2.43 30.38 -5.97
C ARG D 44 1.57 29.59 -6.95
C ARG D 44 1.59 29.62 -6.96
N MET D 45 0.56 30.30 -7.44
CA MET D 45 -0.18 29.84 -8.59
C MET D 45 0.79 29.82 -9.76
N GLU D 46 0.79 28.72 -10.51
CA GLU D 46 1.76 28.48 -11.58
C GLU D 46 1.06 28.23 -12.89
N PRO D 47 1.66 28.69 -14.01
CA PRO D 47 1.08 28.40 -15.34
C PRO D 47 1.27 26.95 -15.72
N ARG D 48 0.24 26.40 -16.37
N ARG D 48 0.26 26.41 -16.38
CA ARG D 48 0.28 25.01 -16.89
CA ARG D 48 0.33 25.03 -16.90
C ARG D 48 -0.18 24.97 -18.34
C ARG D 48 0.04 24.96 -18.40
N ALA D 49 -0.10 26.12 -19.02
CA ALA D 49 -0.36 26.22 -20.46
C ALA D 49 0.46 27.40 -20.96
N PRO D 50 1.10 27.29 -22.12
N PRO D 50 0.92 27.36 -22.22
CA PRO D 50 1.91 28.42 -22.59
CA PRO D 50 1.83 28.38 -22.74
C PRO D 50 1.22 29.79 -22.73
C PRO D 50 1.22 29.77 -22.74
N TRP D 51 -0.05 29.82 -23.11
CA TRP D 51 -0.73 31.05 -23.44
C TRP D 51 -0.88 31.98 -22.19
N ILE D 52 -0.96 31.38 -21.01
CA ILE D 52 -1.14 32.12 -19.78
C ILE D 52 0.16 32.68 -19.20
N GLU D 53 1.30 32.16 -19.67
CA GLU D 53 2.59 32.63 -19.20
C GLU D 53 2.79 34.11 -19.56
N GLN D 54 2.05 34.63 -20.54
CA GLN D 54 2.17 36.06 -20.89
C GLN D 54 1.54 37.00 -19.87
N GLU D 55 0.72 36.46 -18.97
N GLU D 55 0.71 36.47 -18.97
CA GLU D 55 0.16 37.26 -17.91
CA GLU D 55 0.14 37.29 -17.94
C GLU D 55 1.32 37.81 -17.07
C GLU D 55 1.28 37.80 -17.04
N GLY D 56 1.13 39.02 -16.59
CA GLY D 56 2.19 39.66 -15.82
C GLY D 56 2.13 39.41 -14.31
N PRO D 57 3.03 40.07 -13.57
CA PRO D 57 3.15 39.83 -12.14
C PRO D 57 1.91 40.24 -11.35
N GLU D 58 1.23 41.30 -11.80
N GLU D 58 1.17 41.29 -11.72
CA GLU D 58 -0.04 41.66 -11.18
CA GLU D 58 -0.09 41.54 -10.96
C GLU D 58 -1.01 40.48 -11.15
C GLU D 58 -1.06 40.38 -11.09
N TYR D 59 -1.15 39.80 -12.29
CA TYR D 59 -1.97 38.63 -12.46
C TYR D 59 -1.54 37.55 -11.51
N TRP D 60 -0.27 37.15 -11.59
CA TRP D 60 0.17 36.01 -10.78
C TRP D 60 0.14 36.26 -9.28
N ASP D 61 0.50 37.49 -8.85
CA ASP D 61 0.43 37.80 -7.45
C ASP D 61 -1.02 37.71 -6.96
N GLY D 62 -1.95 38.18 -7.76
CA GLY D 62 -3.35 38.19 -7.35
C GLY D 62 -3.91 36.76 -7.27
N GLU D 63 -3.59 35.94 -8.24
CA GLU D 63 -4.09 34.55 -8.25
C GLU D 63 -3.47 33.78 -7.08
N THR D 64 -2.21 34.07 -6.78
CA THR D 64 -1.52 33.47 -5.64
C THR D 64 -2.17 33.86 -4.32
N ARG D 65 -2.46 35.17 -4.16
N ARG D 65 -2.46 35.16 -4.13
CA ARG D 65 -3.13 35.66 -2.98
CA ARG D 65 -3.17 35.64 -2.93
C ARG D 65 -4.48 34.93 -2.78
C ARG D 65 -4.51 34.93 -2.77
N LYS D 66 -5.26 34.80 -3.86
CA LYS D 66 -6.61 34.23 -3.76
C LYS D 66 -6.52 32.73 -3.45
N VAL D 67 -5.61 32.04 -4.10
CA VAL D 67 -5.53 30.60 -3.92
C VAL D 67 -5.05 30.25 -2.52
N LYS D 68 -4.15 31.06 -1.96
CA LYS D 68 -3.69 30.90 -0.55
C LYS D 68 -4.86 31.11 0.41
N ALA D 69 -5.74 32.07 0.11
CA ALA D 69 -6.93 32.28 0.94
C ALA D 69 -7.88 31.11 0.82
N HIS D 70 -8.00 30.57 -0.37
CA HIS D 70 -8.80 29.37 -0.55
C HIS D 70 -8.22 28.22 0.29
N SER D 71 -6.90 28.07 0.24
CA SER D 71 -6.21 27.00 0.98
C SER D 71 -6.54 27.10 2.46
N GLN D 72 -6.48 28.30 3.03
CA GLN D 72 -6.75 28.45 4.44
C GLN D 72 -8.20 28.13 4.84
N THR D 73 -9.14 28.55 4.01
N THR D 73 -9.17 28.53 4.04
CA THR D 73 -10.57 28.31 4.23
CA THR D 73 -10.56 28.24 4.43
C THR D 73 -10.85 26.82 4.28
C THR D 73 -10.91 26.78 4.27
N HIS D 74 -10.27 26.09 3.32
CA HIS D 74 -10.46 24.65 3.22
C HIS D 74 -9.76 23.85 4.34
N ARG D 75 -8.61 24.32 4.79
CA ARG D 75 -7.98 23.75 6.00
C ARG D 75 -8.91 23.86 7.22
N VAL D 76 -9.47 25.04 7.42
CA VAL D 76 -10.44 25.25 8.51
C VAL D 76 -11.64 24.31 8.33
N ASP D 77 -12.15 24.20 7.10
CA ASP D 77 -13.30 23.34 6.83
C ASP D 77 -13.07 21.87 7.24
N LEU D 78 -11.85 21.36 7.05
CA LEU D 78 -11.58 19.98 7.44
C LEU D 78 -11.85 19.77 8.93
N GLY D 79 -11.40 20.71 9.74
CA GLY D 79 -11.65 20.63 11.18
C GLY D 79 -13.12 20.81 11.52
N THR D 80 -13.77 21.78 10.88
CA THR D 80 -15.19 22.03 11.18
C THR D 80 -16.07 20.84 10.85
N LEU D 81 -15.83 20.24 9.69
CA LEU D 81 -16.64 19.13 9.25
C LEU D 81 -16.35 17.86 10.02
N ARG D 82 -15.10 17.68 10.45
CA ARG D 82 -14.77 16.59 11.41
C ARG D 82 -15.65 16.67 12.63
N GLY D 83 -15.82 17.88 13.16
CA GLY D 83 -16.67 18.12 14.33
C GLY D 83 -18.13 17.89 14.04
N TYR D 84 -18.61 18.39 12.89
CA TYR D 84 -20.02 18.26 12.48
C TYR D 84 -20.45 16.81 12.30
N TYR D 85 -19.56 15.97 11.79
CA TYR D 85 -19.85 14.54 11.64
C TYR D 85 -19.34 13.68 12.79
N ASN D 86 -18.86 14.31 13.87
CA ASN D 86 -18.41 13.60 15.06
C ASN D 86 -17.36 12.52 14.76
N GLN D 87 -16.35 12.90 13.98
CA GLN D 87 -15.31 11.97 13.56
C GLN D 87 -14.04 12.15 14.40
N SER D 88 -13.25 11.08 14.50
CA SER D 88 -12.01 11.13 15.30
C SER D 88 -10.99 12.01 14.64
N GLU D 89 -9.99 12.43 15.42
CA GLU D 89 -8.91 13.29 14.93
C GLU D 89 -7.81 12.52 14.20
N ALA D 90 -7.90 11.18 14.19
CA ALA D 90 -6.81 10.36 13.66
C ALA D 90 -6.89 10.12 12.15
N GLY D 91 -8.09 10.13 11.59
CA GLY D 91 -8.28 9.78 10.18
C GLY D 91 -8.14 10.88 9.15
N SER D 92 -7.84 10.50 7.90
CA SER D 92 -7.76 11.43 6.80
C SER D 92 -9.12 11.63 6.14
N HIS D 93 -9.46 12.88 5.86
CA HIS D 93 -10.69 13.24 5.20
C HIS D 93 -10.40 14.19 4.04
N THR D 94 -11.38 14.39 3.18
CA THR D 94 -11.20 15.19 1.97
C THR D 94 -12.31 16.22 1.86
N VAL D 95 -11.95 17.42 1.43
N VAL D 95 -11.95 17.47 1.53
CA VAL D 95 -12.91 18.39 1.01
CA VAL D 95 -12.92 18.45 1.04
C VAL D 95 -12.65 18.75 -0.44
C VAL D 95 -12.65 18.79 -0.44
N GLN D 96 -13.71 19.01 -1.20
CA GLN D 96 -13.60 19.44 -2.60
C GLN D 96 -14.57 20.55 -2.90
N ARG D 97 -14.11 21.52 -3.69
CA ARG D 97 -14.94 22.60 -4.19
C ARG D 97 -14.71 22.75 -5.67
N MET D 98 -15.78 23.00 -6.41
CA MET D 98 -15.67 23.30 -7.86
C MET D 98 -16.56 24.47 -8.14
N TYR D 99 -16.08 25.44 -8.93
CA TYR D 99 -16.97 26.49 -9.40
C TYR D 99 -16.56 26.91 -10.76
N GLY D 100 -17.47 27.61 -11.42
CA GLY D 100 -17.17 28.10 -12.76
C GLY D 100 -18.42 28.41 -13.57
N CYS D 101 -18.22 28.68 -14.84
CA CYS D 101 -19.30 29.21 -15.66
C CYS D 101 -19.23 28.61 -17.05
N ASP D 102 -20.40 28.53 -17.68
CA ASP D 102 -20.51 28.22 -19.08
C ASP D 102 -20.98 29.45 -19.84
N VAL D 103 -20.52 29.63 -21.07
CA VAL D 103 -21.03 30.65 -21.93
C VAL D 103 -21.51 29.94 -23.19
N GLY D 104 -22.50 30.54 -23.86
CA GLY D 104 -23.04 29.96 -25.05
C GLY D 104 -22.18 30.29 -26.27
N SER D 105 -22.68 29.93 -27.43
CA SER D 105 -21.94 30.23 -28.70
C SER D 105 -21.77 31.73 -28.88
N ASP D 106 -22.62 32.54 -28.22
CA ASP D 106 -22.51 34.00 -28.22
C ASP D 106 -21.53 34.57 -27.16
N TRP D 107 -20.95 33.65 -26.43
CA TRP D 107 -20.00 33.92 -25.34
C TRP D 107 -20.62 34.71 -24.22
N ARG D 108 -21.95 34.66 -24.14
CA ARG D 108 -22.66 35.26 -23.01
C ARG D 108 -22.98 34.21 -21.95
N PHE D 109 -23.19 34.65 -20.72
CA PHE D 109 -23.47 33.74 -19.60
C PHE D 109 -24.56 32.73 -19.99
N LEU D 110 -24.29 31.47 -19.70
CA LEU D 110 -25.27 30.41 -19.84
C LEU D 110 -25.65 29.76 -18.54
N ARG D 111 -24.67 29.31 -17.79
CA ARG D 111 -24.92 28.86 -16.45
C ARG D 111 -23.70 28.99 -15.57
N GLY D 112 -23.96 28.94 -14.27
CA GLY D 112 -22.98 29.02 -13.22
C GLY D 112 -23.10 27.85 -12.26
N TYR D 113 -21.98 27.52 -11.61
CA TYR D 113 -21.85 26.40 -10.68
C TYR D 113 -20.99 26.77 -9.52
N HIS D 114 -21.36 26.28 -8.35
CA HIS D 114 -20.51 26.30 -7.18
C HIS D 114 -21.00 25.17 -6.30
N GLN D 115 -20.15 24.16 -6.11
CA GLN D 115 -20.50 23.02 -5.27
C GLN D 115 -19.37 22.50 -4.44
N TYR D 116 -19.77 21.78 -3.39
CA TYR D 116 -18.86 21.42 -2.32
C TYR D 116 -19.14 20.01 -1.91
N ALA D 117 -18.09 19.22 -1.72
CA ALA D 117 -18.21 17.84 -1.26
C ALA D 117 -17.32 17.55 -0.06
N TYR D 118 -17.79 16.68 0.83
CA TYR D 118 -17.01 16.13 1.96
C TYR D 118 -16.90 14.62 1.83
N ASP D 119 -15.65 14.10 1.88
CA ASP D 119 -15.41 12.66 1.70
C ASP D 119 -16.18 12.10 0.52
N GLY D 120 -16.14 12.85 -0.60
CA GLY D 120 -16.59 12.38 -1.90
C GLY D 120 -18.08 12.38 -2.12
N LYS D 121 -18.81 13.00 -1.20
CA LYS D 121 -20.25 13.06 -1.25
C LYS D 121 -20.70 14.53 -1.24
N ASP D 122 -21.74 14.82 -1.99
CA ASP D 122 -22.31 16.18 -1.95
C ASP D 122 -22.49 16.68 -0.50
N TYR D 123 -22.08 17.92 -0.28
CA TYR D 123 -22.27 18.58 1.00
C TYR D 123 -23.23 19.76 0.82
N ILE D 124 -22.82 20.76 0.04
CA ILE D 124 -23.70 21.89 -0.29
C ILE D 124 -23.42 22.37 -1.71
N ALA D 125 -24.47 22.80 -2.42
CA ALA D 125 -24.36 23.28 -3.80
C ALA D 125 -25.28 24.46 -4.05
N LEU D 126 -24.80 25.40 -4.85
CA LEU D 126 -25.61 26.51 -5.27
C LEU D 126 -26.53 25.98 -6.35
N LYS D 127 -27.83 26.27 -6.25
CA LYS D 127 -28.76 25.86 -7.32
C LYS D 127 -28.57 26.68 -8.59
N GLU D 128 -29.17 26.20 -9.69
CA GLU D 128 -29.01 26.80 -11.01
C GLU D 128 -29.38 28.27 -11.05
N ASP D 129 -30.33 28.68 -10.22
CA ASP D 129 -30.76 30.09 -10.21
C ASP D 129 -29.76 31.05 -9.54
N LEU D 130 -28.71 30.46 -8.97
CA LEU D 130 -27.64 31.19 -8.27
C LEU D 130 -28.12 32.05 -7.12
N ARG D 131 -29.26 31.66 -6.54
CA ARG D 131 -29.92 32.40 -5.48
C ARG D 131 -30.19 31.57 -4.21
N SER D 132 -30.09 30.25 -4.31
CA SER D 132 -30.50 29.34 -3.26
C SER D 132 -29.59 28.12 -3.22
N TRP D 133 -29.68 27.36 -2.13
CA TRP D 133 -28.71 26.29 -1.83
C TRP D 133 -29.38 24.94 -1.63
N THR D 134 -28.70 23.87 -2.09
CA THR D 134 -29.11 22.51 -1.74
C THR D 134 -28.16 21.96 -0.72
N ALA D 135 -28.72 21.50 0.40
CA ALA D 135 -27.94 20.86 1.45
C ALA D 135 -28.69 19.58 1.86
N ALA D 136 -28.22 18.37 1.60
CA ALA D 136 -28.96 17.22 2.10
C ALA D 136 -28.68 16.92 3.56
N ASP D 137 -27.43 17.04 3.99
CA ASP D 137 -27.10 16.59 5.35
C ASP D 137 -27.64 17.59 6.39
N MET D 138 -27.94 17.10 7.60
CA MET D 138 -28.24 18.02 8.70
C MET D 138 -27.04 18.93 8.99
N ALA D 139 -25.82 18.37 8.97
CA ALA D 139 -24.59 19.20 9.03
C ALA D 139 -24.60 20.32 8.00
N ALA D 140 -24.93 19.95 6.78
CA ALA D 140 -24.91 20.87 5.67
C ALA D 140 -25.93 22.02 5.82
N GLN D 141 -27.07 21.72 6.45
CA GLN D 141 -28.07 22.74 6.66
C GLN D 141 -27.53 23.87 7.55
N THR D 142 -26.61 23.54 8.45
CA THR D 142 -25.98 24.53 9.29
C THR D 142 -25.11 25.49 8.47
N THR D 143 -24.30 24.91 7.62
CA THR D 143 -23.49 25.70 6.68
C THR D 143 -24.37 26.55 5.75
N LYS D 144 -25.47 25.97 5.28
N LYS D 144 -25.43 25.94 5.27
CA LYS D 144 -26.41 26.71 4.45
CA LYS D 144 -26.39 26.63 4.45
C LYS D 144 -26.88 27.97 5.18
C LYS D 144 -26.89 27.92 5.16
N HIS D 145 -27.24 27.81 6.44
CA HIS D 145 -27.72 28.95 7.22
C HIS D 145 -26.63 29.99 7.34
N LYS D 146 -25.41 29.56 7.63
CA LYS D 146 -24.29 30.51 7.77
C LYS D 146 -24.11 31.27 6.45
N TRP D 147 -24.14 30.55 5.32
CA TRP D 147 -23.94 31.18 4.02
C TRP D 147 -25.11 32.05 3.54
N GLU D 148 -26.33 31.70 3.95
CA GLU D 148 -27.49 32.56 3.73
C GLU D 148 -27.35 33.89 4.48
N ALA D 149 -26.92 33.81 5.74
CA ALA D 149 -26.80 34.99 6.59
C ALA D 149 -25.74 35.93 6.07
N ALA D 150 -24.66 35.38 5.52
CA ALA D 150 -23.53 36.18 4.98
C ALA D 150 -23.72 36.57 3.51
N HIS D 151 -24.86 36.20 2.91
CA HIS D 151 -25.18 36.53 1.50
C HIS D 151 -24.15 36.04 0.48
N VAL D 152 -23.68 34.83 0.72
CA VAL D 152 -22.71 34.19 -0.16
C VAL D 152 -23.23 34.01 -1.58
N ALA D 153 -24.48 33.56 -1.73
CA ALA D 153 -25.05 33.35 -3.05
C ALA D 153 -25.02 34.64 -3.94
N GLU D 154 -25.32 35.79 -3.35
N GLU D 154 -25.37 35.79 -3.35
CA GLU D 154 -25.29 37.07 -4.08
CA GLU D 154 -25.32 37.09 -4.03
C GLU D 154 -23.87 37.40 -4.57
C GLU D 154 -23.89 37.42 -4.50
N GLN D 155 -22.89 37.17 -3.72
N GLN D 155 -22.90 37.07 -3.68
CA GLN D 155 -21.48 37.30 -4.09
CA GLN D 155 -21.50 37.27 -4.04
C GLN D 155 -21.08 36.33 -5.20
C GLN D 155 -21.09 36.35 -5.18
N LEU D 156 -21.46 35.07 -5.05
CA LEU D 156 -21.09 34.10 -6.06
C LEU D 156 -21.84 34.37 -7.35
N ARG D 157 -23.09 34.81 -7.27
CA ARG D 157 -23.83 35.17 -8.48
C ARG D 157 -23.12 36.29 -9.28
N ALA D 158 -22.66 37.33 -8.57
CA ALA D 158 -21.92 38.42 -9.19
C ALA D 158 -20.65 37.87 -9.85
N TYR D 159 -19.93 37.00 -9.16
CA TYR D 159 -18.72 36.40 -9.78
C TYR D 159 -19.05 35.56 -11.01
N LEU D 160 -20.00 34.65 -10.87
CA LEU D 160 -20.30 33.70 -11.93
C LEU D 160 -20.88 34.34 -13.18
N GLU D 161 -21.75 35.34 -12.99
N GLU D 161 -21.70 35.39 -13.02
CA GLU D 161 -22.41 35.98 -14.10
CA GLU D 161 -22.35 36.06 -14.17
C GLU D 161 -21.49 37.06 -14.71
C GLU D 161 -21.59 37.27 -14.64
N GLY D 162 -20.56 37.61 -13.89
CA GLY D 162 -19.72 38.75 -14.27
C GLY D 162 -18.26 38.38 -14.52
N THR D 163 -17.46 38.42 -13.47
CA THR D 163 -16.05 38.07 -13.53
C THR D 163 -15.72 36.84 -14.34
N CYS D 164 -16.42 35.75 -14.05
CA CYS D 164 -16.12 34.48 -14.67
C CYS D 164 -16.31 34.55 -16.18
N VAL D 165 -17.41 35.12 -16.62
N VAL D 165 -17.41 35.15 -16.61
CA VAL D 165 -17.68 35.25 -18.05
CA VAL D 165 -17.77 35.33 -18.03
C VAL D 165 -16.71 36.22 -18.73
C VAL D 165 -16.79 36.25 -18.75
N GLU D 166 -16.42 37.36 -18.11
CA GLU D 166 -15.44 38.33 -18.67
C GLU D 166 -14.08 37.68 -18.90
N TRP D 167 -13.62 36.97 -17.87
CA TRP D 167 -12.31 36.31 -17.92
C TRP D 167 -12.28 35.14 -18.86
N LEU D 168 -13.38 34.38 -18.93
CA LEU D 168 -13.41 33.29 -19.88
C LEU D 168 -13.20 33.84 -21.29
N ARG D 169 -13.88 34.94 -21.61
N ARG D 169 -13.84 34.97 -21.62
CA ARG D 169 -13.69 35.56 -22.90
CA ARG D 169 -13.66 35.55 -22.95
C ARG D 169 -12.24 36.00 -23.11
C ARG D 169 -12.22 36.02 -23.13
N ARG D 170 -11.66 36.65 -22.11
CA ARG D 170 -10.26 37.09 -22.16
C ARG D 170 -9.33 35.91 -22.43
N TYR D 171 -9.55 34.81 -21.71
CA TYR D 171 -8.72 33.64 -21.90
C TYR D 171 -8.88 33.06 -23.30
N LEU D 172 -10.12 32.96 -23.77
CA LEU D 172 -10.39 32.41 -25.09
C LEU D 172 -9.67 33.22 -26.17
N GLU D 173 -9.61 34.53 -26.01
CA GLU D 173 -8.97 35.42 -26.94
C GLU D 173 -7.45 35.25 -26.83
N ASN D 174 -6.93 35.37 -25.63
CA ASN D 174 -5.48 35.33 -25.41
C ASN D 174 -4.88 33.97 -25.75
N GLY D 175 -5.62 32.89 -25.50
CA GLY D 175 -5.16 31.55 -25.79
C GLY D 175 -5.83 31.00 -27.03
N LYS D 176 -6.24 31.87 -27.97
CA LYS D 176 -7.01 31.43 -29.14
C LYS D 176 -6.42 30.24 -29.92
N GLU D 177 -5.11 30.25 -30.16
CA GLU D 177 -4.48 29.15 -30.90
C GLU D 177 -4.68 27.79 -30.25
N THR D 178 -4.67 27.73 -28.94
CA THR D 178 -4.95 26.49 -28.19
C THR D 178 -6.46 26.26 -27.96
N LEU D 179 -7.15 27.29 -27.54
CA LEU D 179 -8.52 27.13 -27.04
C LEU D 179 -9.63 27.16 -28.09
N GLN D 180 -9.48 27.98 -29.12
CA GLN D 180 -10.50 28.08 -30.16
C GLN D 180 -10.29 27.08 -31.32
N ARG D 181 -9.49 26.05 -31.09
CA ARG D 181 -9.18 25.10 -32.15
C ARG D 181 -10.05 23.86 -32.04
N THR D 182 -10.19 23.18 -33.17
CA THR D 182 -10.70 21.81 -33.11
C THR D 182 -9.67 20.95 -33.85
N ASP D 183 -9.31 19.82 -33.23
CA ASP D 183 -8.45 18.84 -33.82
C ASP D 183 -9.33 17.63 -34.10
N ALA D 184 -9.60 17.38 -35.37
CA ALA D 184 -10.46 16.26 -35.70
C ALA D 184 -9.74 14.95 -35.37
N PRO D 185 -10.50 13.91 -34.98
CA PRO D 185 -9.87 12.62 -34.72
C PRO D 185 -9.20 12.04 -35.93
N LYS D 186 -8.02 11.51 -35.69
CA LYS D 186 -7.38 10.61 -36.63
C LYS D 186 -7.85 9.22 -36.30
N THR D 187 -8.41 8.53 -37.27
CA THR D 187 -9.05 7.25 -37.00
C THR D 187 -8.38 6.07 -37.72
N HIS D 188 -8.51 4.90 -37.10
CA HIS D 188 -8.18 3.62 -37.73
C HIS D 188 -8.87 2.44 -37.05
N MET D 189 -8.80 1.26 -37.68
CA MET D 189 -9.36 0.07 -37.09
C MET D 189 -8.27 -0.97 -36.94
N THR D 190 -8.42 -1.78 -35.91
CA THR D 190 -7.62 -3.02 -35.78
C THR D 190 -8.50 -4.25 -35.68
N HIS D 191 -7.90 -5.41 -36.02
CA HIS D 191 -8.59 -6.67 -36.10
C HIS D 191 -7.71 -7.73 -35.44
N HIS D 192 -8.24 -8.44 -34.45
CA HIS D 192 -7.50 -9.48 -33.70
C HIS D 192 -8.33 -10.72 -33.55
N ALA D 193 -7.81 -11.85 -33.99
CA ALA D 193 -8.52 -13.11 -33.79
C ALA D 193 -8.52 -13.42 -32.30
N VAL D 194 -9.68 -13.73 -31.73
CA VAL D 194 -9.75 -14.25 -30.36
C VAL D 194 -9.87 -15.77 -30.35
N SER D 195 -10.22 -16.34 -31.50
CA SER D 195 -10.32 -17.79 -31.68
C SER D 195 -10.37 -18.04 -33.18
N ASP D 196 -10.73 -19.25 -33.60
CA ASP D 196 -10.91 -19.49 -35.03
C ASP D 196 -12.27 -19.03 -35.58
N HIS D 197 -13.21 -18.69 -34.71
CA HIS D 197 -14.54 -18.27 -35.18
C HIS D 197 -14.98 -16.86 -34.74
N GLU D 198 -14.09 -16.10 -34.11
CA GLU D 198 -14.37 -14.70 -33.69
C GLU D 198 -13.15 -13.83 -33.76
N ALA D 199 -13.40 -12.54 -33.99
CA ALA D 199 -12.36 -11.53 -33.94
C ALA D 199 -12.90 -10.26 -33.33
N THR D 200 -12.02 -9.53 -32.67
N THR D 200 -12.06 -9.53 -32.63
CA THR D 200 -12.30 -8.19 -32.18
CA THR D 200 -12.45 -8.23 -32.11
C THR D 200 -12.00 -7.17 -33.26
C THR D 200 -12.02 -7.16 -33.14
N LEU D 201 -12.98 -6.31 -33.52
CA LEU D 201 -12.74 -5.15 -34.36
C LEU D 201 -12.76 -3.94 -33.40
N ARG D 202 -11.67 -3.18 -33.40
CA ARG D 202 -11.53 -2.00 -32.56
C ARG D 202 -11.40 -0.76 -33.41
N CYS D 203 -12.29 0.18 -33.17
CA CYS D 203 -12.30 1.47 -33.89
C CYS D 203 -11.67 2.53 -32.98
N TRP D 204 -10.61 3.15 -33.49
CA TRP D 204 -9.79 4.15 -32.78
C TRP D 204 -10.06 5.58 -33.25
N ALA D 205 -10.09 6.49 -32.28
CA ALA D 205 -10.04 7.95 -32.47
C ALA D 205 -8.91 8.51 -31.65
N LEU D 206 -7.97 9.17 -32.34
CA LEU D 206 -6.76 9.71 -31.71
C LEU D 206 -6.55 11.17 -32.01
N SER D 207 -5.85 11.84 -31.08
N SER D 207 -5.81 11.86 -31.12
CA SER D 207 -5.34 13.20 -31.28
CA SER D 207 -5.35 13.22 -31.38
C SER D 207 -6.46 14.23 -31.55
C SER D 207 -6.49 14.25 -31.58
N PHE D 208 -7.59 14.08 -30.86
CA PHE D 208 -8.72 15.00 -31.03
C PHE D 208 -8.87 15.97 -29.86
N TYR D 209 -9.50 17.09 -30.16
CA TYR D 209 -9.81 18.15 -29.18
C TYR D 209 -11.00 18.92 -29.75
N PRO D 210 -12.01 19.21 -28.92
CA PRO D 210 -12.12 18.91 -27.49
C PRO D 210 -12.39 17.46 -27.21
N ALA D 211 -12.59 17.13 -25.95
CA ALA D 211 -12.73 15.69 -25.58
C ALA D 211 -14.04 15.04 -26.00
N GLU D 212 -15.11 15.85 -26.12
N GLU D 212 -15.11 15.83 -26.13
CA GLU D 212 -16.43 15.32 -26.50
CA GLU D 212 -16.42 15.28 -26.44
C GLU D 212 -16.33 14.61 -27.84
C GLU D 212 -16.48 14.63 -27.84
N ILE D 213 -16.79 13.34 -27.86
CA ILE D 213 -16.82 12.56 -29.09
C ILE D 213 -17.87 11.44 -28.91
N THR D 214 -18.40 10.97 -30.04
CA THR D 214 -19.24 9.81 -30.06
C THR D 214 -18.65 8.75 -31.03
N LEU D 215 -18.45 7.55 -30.50
CA LEU D 215 -17.97 6.43 -31.24
C LEU D 215 -19.01 5.34 -31.08
N THR D 216 -19.58 4.87 -32.20
CA THR D 216 -20.57 3.80 -32.11
C THR D 216 -20.33 2.75 -33.18
N TRP D 217 -20.71 1.53 -32.87
CA TRP D 217 -20.76 0.48 -33.85
C TRP D 217 -22.21 0.13 -34.23
N GLN D 218 -22.41 -0.15 -35.50
CA GLN D 218 -23.64 -0.70 -36.02
C GLN D 218 -23.38 -2.02 -36.75
N ARG D 219 -24.38 -2.89 -36.76
CA ARG D 219 -24.36 -4.11 -37.53
C ARG D 219 -25.58 -4.06 -38.45
N ASP D 220 -25.34 -4.09 -39.74
CA ASP D 220 -26.42 -3.92 -40.74
C ASP D 220 -27.24 -2.64 -40.43
N GLY D 221 -26.59 -1.59 -39.96
CA GLY D 221 -27.25 -0.31 -39.69
C GLY D 221 -27.96 -0.18 -38.34
N GLU D 222 -27.96 -1.25 -37.54
CA GLU D 222 -28.58 -1.25 -36.21
C GLU D 222 -27.54 -1.01 -35.14
N ASP D 223 -27.74 0.00 -34.28
CA ASP D 223 -26.82 0.26 -33.16
C ASP D 223 -26.57 -0.99 -32.31
N GLN D 224 -25.31 -1.21 -31.95
CA GLN D 224 -24.86 -2.33 -31.11
C GLN D 224 -24.42 -1.91 -29.70
N THR D 225 -25.10 -0.92 -29.14
CA THR D 225 -24.71 -0.34 -27.83
C THR D 225 -24.46 -1.41 -26.76
N GLN D 226 -25.41 -2.33 -26.61
CA GLN D 226 -25.34 -3.41 -25.63
C GLN D 226 -24.14 -4.34 -25.82
N ASP D 227 -23.61 -4.38 -27.03
CA ASP D 227 -22.54 -5.31 -27.36
C ASP D 227 -21.26 -4.63 -27.79
N THR D 228 -21.12 -3.35 -27.43
CA THR D 228 -19.89 -2.59 -27.71
C THR D 228 -19.12 -2.40 -26.42
N GLU D 229 -17.83 -2.72 -26.43
CA GLU D 229 -16.94 -2.28 -25.36
C GLU D 229 -16.40 -0.87 -25.67
N LEU D 230 -16.70 0.08 -24.80
CA LEU D 230 -16.32 1.48 -25.02
C LEU D 230 -15.44 1.89 -23.86
N VAL D 231 -14.23 2.38 -24.10
CA VAL D 231 -13.38 2.85 -22.99
C VAL D 231 -13.62 4.32 -22.73
N GLU D 232 -13.33 4.75 -21.51
N GLU D 232 -13.25 4.76 -21.53
CA GLU D 232 -13.39 6.14 -21.16
CA GLU D 232 -13.37 6.15 -21.17
C GLU D 232 -12.43 6.98 -21.99
C GLU D 232 -12.43 6.97 -22.01
N THR D 233 -12.92 8.13 -22.43
CA THR D 233 -12.08 9.06 -23.16
C THR D 233 -10.88 9.40 -22.28
N ARG D 234 -9.67 9.41 -22.86
CA ARG D 234 -8.46 9.46 -22.04
C ARG D 234 -7.48 10.49 -22.65
N PRO D 235 -6.71 11.20 -21.81
CA PRO D 235 -5.78 12.24 -22.28
C PRO D 235 -4.55 11.61 -22.90
N ALA D 236 -4.09 12.13 -24.06
CA ALA D 236 -2.83 11.69 -24.62
C ALA D 236 -1.57 12.22 -23.89
N GLY D 237 -1.74 13.36 -23.21
CA GLY D 237 -0.68 14.00 -22.45
C GLY D 237 -0.16 15.27 -23.11
N ASP D 238 -0.58 15.45 -24.35
CA ASP D 238 -0.18 16.62 -25.17
C ASP D 238 -1.33 17.60 -25.44
N GLY D 239 -2.43 17.57 -24.68
CA GLY D 239 -3.56 18.40 -24.99
C GLY D 239 -4.62 17.87 -25.92
N THR D 240 -4.44 16.62 -26.35
CA THR D 240 -5.45 15.89 -27.16
C THR D 240 -5.95 14.67 -26.37
N PHE D 241 -6.96 14.05 -26.94
CA PHE D 241 -7.65 12.92 -26.35
C PHE D 241 -7.70 11.72 -27.27
N GLN D 242 -8.04 10.56 -26.68
CA GLN D 242 -8.11 9.28 -27.34
C GLN D 242 -9.34 8.54 -26.87
N LYS D 243 -9.87 7.69 -27.74
CA LYS D 243 -10.96 6.79 -27.37
C LYS D 243 -11.01 5.64 -28.37
N TRP D 244 -11.48 4.50 -27.89
CA TRP D 244 -11.80 3.42 -28.80
C TRP D 244 -13.08 2.71 -28.44
N ALA D 245 -13.64 1.99 -29.41
CA ALA D 245 -14.87 1.21 -29.25
C ALA D 245 -14.62 -0.12 -29.95
N ALA D 246 -14.92 -1.22 -29.30
CA ALA D 246 -14.71 -2.53 -29.90
C ALA D 246 -15.98 -3.38 -29.92
N VAL D 247 -16.06 -4.21 -30.93
CA VAL D 247 -17.06 -5.26 -31.01
C VAL D 247 -16.45 -6.61 -31.37
N VAL D 248 -17.06 -7.71 -30.91
N VAL D 248 -17.19 -7.66 -30.95
CA VAL D 248 -16.61 -9.05 -31.33
CA VAL D 248 -16.93 -9.08 -31.28
C VAL D 248 -17.50 -9.56 -32.46
C VAL D 248 -17.62 -9.47 -32.57
N VAL D 249 -16.84 -9.81 -33.60
CA VAL D 249 -17.42 -10.12 -34.90
C VAL D 249 -17.21 -11.60 -35.20
N PRO D 250 -18.31 -12.34 -35.46
CA PRO D 250 -18.12 -13.72 -35.84
C PRO D 250 -17.42 -13.74 -37.19
N SER D 251 -16.46 -14.63 -37.36
N SER D 251 -16.74 -14.85 -37.46
CA SER D 251 -15.62 -14.59 -38.56
CA SER D 251 -15.95 -15.05 -38.66
C SER D 251 -16.49 -14.70 -39.84
C SER D 251 -16.69 -14.74 -39.95
N GLY D 252 -16.11 -13.90 -40.83
CA GLY D 252 -16.81 -13.70 -42.10
C GLY D 252 -17.84 -12.59 -42.10
N GLN D 253 -18.12 -12.00 -40.93
CA GLN D 253 -19.16 -10.99 -40.87
C GLN D 253 -18.62 -9.56 -40.76
N GLU D 254 -17.32 -9.36 -40.96
CA GLU D 254 -16.72 -8.02 -40.82
C GLU D 254 -17.46 -6.95 -41.65
N GLN D 255 -17.91 -7.33 -42.83
CA GLN D 255 -18.56 -6.39 -43.74
C GLN D 255 -19.91 -5.86 -43.23
N ARG D 256 -20.50 -6.56 -42.25
CA ARG D 256 -21.75 -6.09 -41.68
C ARG D 256 -21.58 -4.92 -40.75
N TYR D 257 -20.36 -4.70 -40.23
CA TYR D 257 -20.16 -3.75 -39.17
C TYR D 257 -19.61 -2.42 -39.64
N THR D 258 -20.17 -1.35 -39.10
CA THR D 258 -19.68 0.00 -39.37
C THR D 258 -19.43 0.73 -38.06
N CYS D 259 -18.35 1.53 -38.02
CA CYS D 259 -18.02 2.38 -36.90
C CYS D 259 -18.33 3.80 -37.29
N HIS D 260 -19.03 4.51 -36.42
CA HIS D 260 -19.50 5.87 -36.69
C HIS D 260 -18.83 6.80 -35.72
N VAL D 261 -18.21 7.87 -36.25
CA VAL D 261 -17.46 8.81 -35.43
C VAL D 261 -18.06 10.19 -35.62
N GLN D 262 -18.48 10.79 -34.51
CA GLN D 262 -18.94 12.18 -34.49
C GLN D 262 -18.06 12.98 -33.59
N HIS D 263 -17.65 14.12 -34.13
CA HIS D 263 -16.79 15.07 -33.42
C HIS D 263 -16.93 16.44 -34.05
N GLU D 264 -16.84 17.47 -33.21
CA GLU D 264 -16.89 18.87 -33.64
C GLU D 264 -15.97 19.20 -34.80
N GLY D 265 -14.81 18.54 -34.89
CA GLY D 265 -13.82 18.80 -35.92
C GLY D 265 -14.11 18.15 -37.25
N LEU D 266 -15.12 17.28 -37.27
CA LEU D 266 -15.57 16.60 -38.47
C LEU D 266 -16.83 17.24 -39.07
N PRO D 267 -16.72 17.83 -40.26
CA PRO D 267 -17.88 18.43 -40.92
C PRO D 267 -19.01 17.42 -41.16
N LYS D 268 -18.61 16.22 -41.57
CA LYS D 268 -19.52 15.09 -41.74
C LYS D 268 -19.03 14.02 -40.80
N PRO D 269 -19.95 13.33 -40.10
CA PRO D 269 -19.49 12.19 -39.33
C PRO D 269 -18.89 11.14 -40.26
N LEU D 270 -17.99 10.36 -39.70
CA LEU D 270 -17.32 9.31 -40.43
C LEU D 270 -18.06 8.00 -40.27
N THR D 271 -18.05 7.22 -41.34
CA THR D 271 -18.50 5.84 -41.27
C THR D 271 -17.33 5.00 -41.72
N LEU D 272 -16.79 4.15 -40.84
N LEU D 272 -16.82 4.13 -40.85
CA LEU D 272 -15.65 3.28 -41.14
CA LEU D 272 -15.67 3.32 -41.13
C LEU D 272 -16.12 1.84 -41.25
C LEU D 272 -16.07 1.86 -41.19
N ARG D 273 -15.52 1.10 -42.18
N ARG D 273 -15.43 1.09 -42.06
CA ARG D 273 -15.79 -0.34 -42.28
CA ARG D 273 -15.73 -0.32 -42.14
C ARG D 273 -14.44 -1.05 -42.37
C ARG D 273 -14.50 -1.13 -42.52
N TRP D 274 -14.39 -2.30 -41.91
CA TRP D 274 -13.24 -3.17 -42.08
C TRP D 274 -13.47 -3.85 -43.41
N GLU D 275 -12.63 -3.54 -44.37
CA GLU D 275 -12.78 -4.15 -45.67
C GLU D 275 -11.48 -4.01 -46.43
N MET E 1 -17.24 5.50 4.91
N MET E 1 -16.98 5.63 5.05
CA MET E 1 -16.84 6.60 4.00
CA MET E 1 -17.14 6.66 3.98
C MET E 1 -16.79 6.08 2.56
C MET E 1 -16.87 6.09 2.59
N ILE E 2 -17.17 6.92 1.59
CA ILE E 2 -17.08 6.57 0.16
C ILE E 2 -15.67 6.11 -0.23
N GLN E 3 -15.64 4.96 -0.90
CA GLN E 3 -14.44 4.49 -1.57
C GLN E 3 -14.82 4.00 -2.96
N ARG E 4 -14.15 4.54 -3.98
CA ARG E 4 -14.36 4.19 -5.36
C ARG E 4 -13.05 3.66 -5.96
N THR E 5 -13.16 2.54 -6.69
CA THR E 5 -11.98 1.86 -7.23
C THR E 5 -11.47 2.57 -8.46
N PRO E 6 -10.14 2.75 -8.57
CA PRO E 6 -9.70 3.29 -9.83
C PRO E 6 -9.92 2.46 -11.09
N LYS E 7 -10.35 3.14 -12.16
N LYS E 7 -10.30 3.15 -12.18
CA LYS E 7 -10.23 2.59 -13.52
CA LYS E 7 -10.19 2.57 -13.50
C LYS E 7 -8.78 2.83 -13.96
C LYS E 7 -8.77 2.83 -13.97
N ILE E 8 -8.24 1.93 -14.78
CA ILE E 8 -6.85 2.00 -15.20
C ILE E 8 -6.73 1.73 -16.71
N GLN E 9 -6.08 2.64 -17.41
CA GLN E 9 -5.70 2.42 -18.81
C GLN E 9 -4.22 2.71 -18.94
N VAL E 10 -3.50 1.80 -19.58
N VAL E 10 -3.52 1.81 -19.61
CA VAL E 10 -2.08 1.96 -19.89
CA VAL E 10 -2.12 2.03 -19.94
C VAL E 10 -1.94 1.99 -21.41
C VAL E 10 -1.96 2.01 -21.44
N TYR E 11 -1.23 3.00 -21.92
CA TYR E 11 -1.21 3.27 -23.38
C TYR E 11 -0.16 4.28 -23.70
N SER E 12 0.16 4.36 -24.98
CA SER E 12 1.14 5.32 -25.46
C SER E 12 0.47 6.59 -25.98
N ARG E 13 1.20 7.69 -25.91
CA ARG E 13 0.70 8.95 -26.45
C ARG E 13 0.45 8.92 -27.94
N HIS E 14 1.41 8.32 -28.68
CA HIS E 14 1.35 8.18 -30.10
C HIS E 14 1.29 6.71 -30.44
N PRO E 15 0.83 6.36 -31.63
CA PRO E 15 0.91 4.93 -32.01
C PRO E 15 2.35 4.40 -31.87
N ALA E 16 2.51 3.25 -31.26
CA ALA E 16 3.86 2.76 -30.98
C ALA E 16 4.54 2.33 -32.24
N GLU E 17 5.74 2.83 -32.43
CA GLU E 17 6.57 2.40 -33.51
C GLU E 17 7.92 2.04 -32.98
N ASN E 18 8.41 0.84 -33.23
CA ASN E 18 9.64 0.46 -32.58
C ASN E 18 10.79 1.40 -32.93
N GLY E 19 11.58 1.76 -31.93
CA GLY E 19 12.68 2.69 -32.13
C GLY E 19 12.35 4.18 -32.21
N LYS E 20 11.06 4.52 -32.10
N LYS E 20 11.06 4.53 -32.13
CA LYS E 20 10.68 5.94 -32.10
CA LYS E 20 10.66 5.95 -32.20
C LYS E 20 10.20 6.39 -30.74
C LYS E 20 10.15 6.44 -30.83
N SER E 21 10.68 7.58 -30.39
CA SER E 21 10.38 8.19 -29.10
C SER E 21 8.88 8.40 -28.90
N ASN E 22 8.45 8.25 -27.66
CA ASN E 22 7.04 8.32 -27.35
C ASN E 22 6.88 8.59 -25.87
N PHE E 23 5.65 8.48 -25.36
CA PHE E 23 5.37 8.55 -23.93
C PHE E 23 4.49 7.42 -23.55
N LEU E 24 4.81 6.81 -22.42
CA LEU E 24 4.02 5.77 -21.82
C LEU E 24 3.16 6.40 -20.76
N ASN E 25 1.86 6.20 -20.90
CA ASN E 25 0.81 6.75 -20.02
C ASN E 25 0.10 5.68 -19.19
N CYS E 26 -0.20 6.02 -17.95
CA CYS E 26 -1.16 5.28 -17.14
C CYS E 26 -2.14 6.27 -16.59
N TYR E 27 -3.38 6.15 -17.07
CA TYR E 27 -4.47 7.03 -16.69
C TYR E 27 -5.33 6.30 -15.65
N VAL E 28 -5.35 6.88 -14.46
CA VAL E 28 -6.20 6.36 -13.38
C VAL E 28 -7.35 7.33 -13.15
N SER E 29 -8.59 6.79 -13.04
CA SER E 29 -9.76 7.67 -12.92
C SER E 29 -10.86 7.00 -12.12
N GLY E 30 -11.81 7.79 -11.67
CA GLY E 30 -12.99 7.29 -10.98
C GLY E 30 -12.76 6.84 -9.56
N PHE E 31 -11.67 7.28 -8.94
CA PHE E 31 -11.28 6.80 -7.62
C PHE E 31 -11.55 7.83 -6.50
N HIS E 32 -11.70 7.31 -5.28
CA HIS E 32 -11.90 8.12 -4.07
C HIS E 32 -11.58 7.18 -2.92
N PRO E 33 -10.77 7.60 -1.94
CA PRO E 33 -10.10 8.91 -1.81
C PRO E 33 -8.93 9.07 -2.79
N SER E 34 -8.28 10.22 -2.72
CA SER E 34 -7.25 10.55 -3.69
C SER E 34 -5.88 9.89 -3.51
N ASP E 35 -5.61 9.34 -2.33
N ASP E 35 -5.58 9.36 -2.33
CA ASP E 35 -4.35 8.67 -2.05
CA ASP E 35 -4.29 8.73 -2.11
C ASP E 35 -4.24 7.48 -2.98
C ASP E 35 -4.25 7.51 -3.00
N ILE E 36 -3.25 7.48 -3.88
CA ILE E 36 -3.08 6.37 -4.81
C ILE E 36 -1.62 6.24 -5.14
N GLU E 37 -1.21 5.02 -5.47
CA GLU E 37 0.17 4.73 -5.85
C GLU E 37 0.12 4.18 -7.26
N VAL E 38 0.90 4.77 -8.17
CA VAL E 38 0.92 4.37 -9.54
C VAL E 38 2.39 4.31 -9.94
N ASP E 39 2.81 3.15 -10.42
CA ASP E 39 4.16 3.01 -10.97
C ASP E 39 4.05 2.48 -12.40
N LEU E 40 4.98 2.91 -13.25
CA LEU E 40 5.14 2.35 -14.57
C LEU E 40 6.32 1.38 -14.51
N LEU E 41 6.16 0.23 -15.15
CA LEU E 41 7.16 -0.82 -15.13
C LEU E 41 7.70 -1.17 -16.51
N LYS E 42 9.00 -1.38 -16.57
CA LYS E 42 9.68 -1.86 -17.77
C LYS E 42 10.25 -3.21 -17.40
N ASN E 43 9.78 -4.24 -18.10
CA ASN E 43 10.21 -5.60 -17.84
C ASN E 43 10.12 -5.91 -16.33
N GLY E 44 9.04 -5.45 -15.73
CA GLY E 44 8.75 -5.73 -14.32
C GLY E 44 9.37 -4.78 -13.28
N GLU E 45 10.30 -3.93 -13.72
N GLU E 45 10.24 -3.90 -13.71
CA GLU E 45 11.04 -3.04 -12.83
CA GLU E 45 10.96 -3.05 -12.79
C GLU E 45 10.46 -1.63 -12.87
C GLU E 45 10.42 -1.63 -12.86
N ARG E 46 10.41 -0.98 -11.71
CA ARG E 46 9.92 0.35 -11.60
C ARG E 46 10.78 1.35 -12.39
N ILE E 47 10.11 2.14 -13.22
CA ILE E 47 10.72 3.25 -13.93
C ILE E 47 10.83 4.45 -13.00
N GLU E 48 12.01 5.04 -12.93
CA GLU E 48 12.32 6.10 -11.97
C GLU E 48 11.76 7.48 -12.33
N LYS E 49 11.90 7.89 -13.59
CA LYS E 49 11.49 9.27 -13.99
C LYS E 49 10.07 9.28 -14.50
N VAL E 50 9.11 9.26 -13.57
CA VAL E 50 7.70 9.26 -13.90
C VAL E 50 7.08 10.52 -13.32
N GLU E 51 6.43 11.31 -14.16
N GLU E 51 6.32 11.20 -14.16
CA GLU E 51 5.70 12.49 -13.71
CA GLU E 51 5.64 12.43 -13.81
C GLU E 51 4.21 12.19 -13.71
C GLU E 51 4.15 12.17 -13.72
N HIS E 52 3.44 13.10 -13.12
CA HIS E 52 2.00 13.02 -13.17
C HIS E 52 1.34 14.37 -13.21
N SER E 53 0.09 14.35 -13.67
CA SER E 53 -0.74 15.52 -13.80
C SER E 53 -1.20 15.98 -12.44
N ASP E 54 -1.66 17.22 -12.38
CA ASP E 54 -2.15 17.79 -11.15
C ASP E 54 -3.49 17.22 -10.85
N LEU E 55 -3.71 16.90 -9.58
CA LEU E 55 -4.94 16.25 -9.13
C LEU E 55 -6.18 17.06 -9.51
N SER E 56 -7.11 16.40 -10.19
CA SER E 56 -8.33 17.01 -10.61
C SER E 56 -9.46 15.98 -10.41
N PHE E 57 -10.67 16.38 -10.71
CA PHE E 57 -11.80 15.51 -10.46
C PHE E 57 -12.96 15.76 -11.38
N SER E 58 -13.80 14.74 -11.46
CA SER E 58 -14.94 14.73 -12.37
C SER E 58 -16.19 15.34 -11.72
N LYS E 59 -17.24 15.49 -12.51
CA LYS E 59 -18.49 16.07 -11.99
C LYS E 59 -19.03 15.28 -10.78
N ASP E 60 -18.79 13.96 -10.77
CA ASP E 60 -19.18 13.09 -9.67
C ASP E 60 -18.23 13.04 -8.46
N TRP E 61 -17.27 13.95 -8.45
CA TRP E 61 -16.27 14.14 -7.37
C TRP E 61 -15.10 13.13 -7.43
N SER E 62 -15.20 12.11 -8.25
CA SER E 62 -14.14 11.11 -8.35
C SER E 62 -12.89 11.70 -8.99
N PHE E 63 -11.73 11.28 -8.49
CA PHE E 63 -10.44 11.81 -8.97
C PHE E 63 -9.90 11.19 -10.26
N TYR E 64 -9.03 11.91 -10.94
CA TYR E 64 -8.28 11.36 -12.08
C TYR E 64 -6.89 11.95 -12.14
N LEU E 65 -5.96 11.15 -12.64
CA LEU E 65 -4.57 11.50 -12.76
C LEU E 65 -3.97 10.78 -13.94
N LEU E 66 -3.07 11.46 -14.65
CA LEU E 66 -2.28 10.82 -15.70
C LEU E 66 -0.81 10.76 -15.23
N TYR E 67 -0.26 9.56 -15.19
CA TYR E 67 1.14 9.31 -14.94
C TYR E 67 1.81 9.01 -16.28
N TYR E 68 3.02 9.51 -16.46
CA TYR E 68 3.63 9.43 -17.80
C TYR E 68 5.13 9.51 -17.73
N THR E 69 5.75 8.86 -18.72
CA THR E 69 7.18 8.90 -18.85
C THR E 69 7.57 8.77 -20.30
N GLU E 70 8.73 9.33 -20.66
N GLU E 70 8.71 9.37 -20.65
CA GLU E 70 9.26 9.12 -22.01
CA GLU E 70 9.34 9.10 -21.93
C GLU E 70 9.77 7.68 -22.19
C GLU E 70 9.62 7.59 -22.11
N PHE E 71 9.45 7.08 -23.33
CA PHE E 71 9.95 5.76 -23.68
C PHE E 71 10.04 5.60 -25.18
N THR E 72 10.88 4.64 -25.55
CA THR E 72 11.05 4.26 -26.92
C THR E 72 10.77 2.77 -26.99
N PRO E 73 9.59 2.40 -27.54
CA PRO E 73 9.25 0.99 -27.59
C PRO E 73 10.13 0.18 -28.50
N THR E 74 10.25 -1.09 -28.18
CA THR E 74 10.97 -2.09 -28.99
C THR E 74 10.09 -3.30 -29.18
N GLU E 75 10.54 -4.27 -29.96
CA GLU E 75 9.75 -5.47 -30.16
C GLU E 75 9.62 -6.24 -28.84
N LYS E 76 10.69 -6.32 -28.06
CA LYS E 76 10.76 -7.23 -26.94
C LYS E 76 10.49 -6.65 -25.55
N ASP E 77 10.67 -5.34 -25.36
CA ASP E 77 10.48 -4.79 -24.02
C ASP E 77 9.03 -4.78 -23.64
N GLU E 78 8.74 -5.13 -22.38
N GLU E 78 8.73 -5.19 -22.41
CA GLU E 78 7.39 -5.18 -21.85
CA GLU E 78 7.36 -5.19 -21.88
C GLU E 78 7.14 -4.06 -20.87
C GLU E 78 7.15 -4.04 -20.91
N TYR E 79 5.99 -3.41 -21.00
CA TYR E 79 5.60 -2.36 -20.09
C TYR E 79 4.27 -2.68 -19.39
N ALA E 80 4.12 -2.11 -18.21
CA ALA E 80 2.90 -2.24 -17.44
C ALA E 80 2.72 -1.06 -16.50
N CYS E 81 1.54 -0.98 -15.88
CA CYS E 81 1.22 0.00 -14.85
C CYS E 81 0.82 -0.77 -13.62
N ARG E 82 1.30 -0.35 -12.44
CA ARG E 82 0.94 -1.01 -11.20
C ARG E 82 0.29 0.00 -10.29
N VAL E 83 -0.92 -0.32 -9.83
CA VAL E 83 -1.73 0.64 -9.12
C VAL E 83 -2.12 0.08 -7.74
N ASN E 84 -1.96 0.86 -6.68
CA ASN E 84 -2.50 0.48 -5.36
C ASN E 84 -3.38 1.59 -4.81
N HIS E 85 -4.41 1.19 -4.09
CA HIS E 85 -5.46 2.09 -3.63
C HIS E 85 -6.16 1.34 -2.52
N VAL E 86 -6.78 2.05 -1.60
CA VAL E 86 -7.51 1.40 -0.48
C VAL E 86 -8.58 0.36 -0.93
N THR E 87 -9.17 0.55 -2.11
CA THR E 87 -10.19 -0.34 -2.64
C THR E 87 -9.63 -1.65 -3.21
N LEU E 88 -8.31 -1.73 -3.33
CA LEU E 88 -7.67 -2.91 -3.92
C LEU E 88 -7.03 -3.76 -2.84
N SER E 89 -7.34 -5.06 -2.82
CA SER E 89 -6.77 -5.95 -1.80
C SER E 89 -5.29 -6.17 -2.06
N GLN E 90 -4.88 -6.08 -3.31
CA GLN E 90 -3.49 -6.09 -3.67
C GLN E 90 -3.29 -5.16 -4.86
N PRO E 91 -2.05 -4.75 -5.09
CA PRO E 91 -1.82 -3.89 -6.26
C PRO E 91 -2.25 -4.56 -7.56
N LYS E 92 -2.85 -3.79 -8.46
CA LYS E 92 -3.38 -4.27 -9.74
C LYS E 92 -2.33 -3.93 -10.79
N ILE E 93 -1.93 -4.92 -11.57
CA ILE E 93 -0.99 -4.72 -12.67
C ILE E 93 -1.73 -4.85 -13.98
N VAL E 94 -1.62 -3.81 -14.80
CA VAL E 94 -2.20 -3.87 -16.11
C VAL E 94 -1.05 -3.77 -17.13
N LYS E 95 -0.99 -4.76 -18.00
CA LYS E 95 0.06 -4.79 -19.03
C LYS E 95 -0.28 -3.86 -20.20
N TRP E 96 0.74 -3.24 -20.76
CA TRP E 96 0.61 -2.43 -21.96
C TRP E 96 0.49 -3.35 -23.15
N ASP E 97 -0.53 -3.10 -23.96
CA ASP E 97 -0.75 -3.83 -25.21
C ASP E 97 -0.76 -2.70 -26.22
N ARG E 98 0.12 -2.70 -27.21
N ARG E 98 0.21 -2.84 -27.13
CA ARG E 98 0.18 -1.49 -28.05
CA ARG E 98 0.49 -1.88 -28.17
C ARG E 98 -1.07 -1.17 -28.87
C ARG E 98 -0.39 -2.10 -29.36
N ASP E 99 -2.05 -2.08 -28.90
N ASP E 99 -0.81 -3.35 -29.60
CA ASP E 99 -3.29 -1.76 -29.61
CA ASP E 99 -1.60 -3.61 -30.79
C ASP E 99 -4.47 -1.57 -28.67
C ASP E 99 -3.09 -3.75 -30.54
N MET E 100 -4.17 -1.10 -27.47
N MET E 100 -3.50 -3.37 -29.34
CA MET E 100 -5.21 -0.74 -26.49
CA MET E 100 -4.92 -3.19 -29.02
C MET E 100 -4.93 0.57 -25.73
C MET E 100 -5.52 -2.41 -30.17
N ALA F 3 -12.09 33.18 -7.84
CA ALA F 3 -13.04 34.04 -7.12
C ALA F 3 -12.33 34.79 -6.00
N GLY F 4 -12.66 36.08 -5.91
CA GLY F 4 -12.15 36.93 -4.84
C GLY F 4 -13.19 37.27 -3.78
N ILE F 5 -14.44 36.82 -3.99
CA ILE F 5 -15.56 37.04 -3.08
C ILE F 5 -16.38 35.74 -3.02
N GLY F 6 -17.06 35.51 -1.91
CA GLY F 6 -17.99 34.39 -1.80
C GLY F 6 -17.41 33.08 -1.35
N ILE F 7 -16.12 33.02 -1.01
CA ILE F 7 -15.50 31.78 -0.60
C ILE F 7 -15.26 31.82 0.89
N LEU F 8 -16.16 31.19 1.63
CA LEU F 8 -16.28 31.35 3.06
C LEU F 8 -16.13 29.95 3.69
N THR F 9 -15.61 29.92 4.92
N THR F 9 -15.61 29.91 4.92
CA THR F 9 -15.51 28.68 5.68
CA THR F 9 -15.47 28.66 5.63
C THR F 9 -16.89 28.09 5.88
C THR F 9 -16.86 28.09 5.93
#